data_9FXB
#
_entry.id   9FXB
#
_cell.length_a   1.00
_cell.length_b   1.00
_cell.length_c   1.00
_cell.angle_alpha   90.00
_cell.angle_beta   90.00
_cell.angle_gamma   90.00
#
_symmetry.space_group_name_H-M   'P 1'
#
loop_
_entity.id
_entity.type
_entity.pdbx_description
1 polymer 'Type-1 fimbrial protein, A chain'
2 polymer 'Chaperone protein FimC'
3 polymer 'Fimbrin-like protein FimI'
4 polymer 'Outer membrane usher protein FimD'
#
loop_
_entity_poly.entity_id
_entity_poly.type
_entity_poly.pdbx_seq_one_letter_code
_entity_poly.pdbx_strand_id
1 'polypeptide(L)'
;MAATTVNGGTVHFKGEVVNAACAVDAGSVDQTVQLGQVRTASLAQEGATSSAVGFNIQLNDCDTNVASKAAVAFLGTAID
AGHTNVLALQSSAAGSATNVGVQILDRTGAALTLDGATFSSETTLNNGTNTIPFQARYFATGAATPGAANADATFKVQYQ
;
A
2 'polypeptide(L)'
;MGVALGATRVIYPAGQKQEQLAVTNNDENSTYLIQSWVENADGVKDGRFIVTPPLFAMKGKKENTLRILDATNNQLPQDR
ESLFWMNVKAIPSMDKSKLTENTLQLAIISRIKLYYRPAKLALPPDQAAEKLRFRRSANSLTLINPTPYYLTVTELNAGT
RVLENALVPPMGESTVKLPSDAGSNITYRTINDYGALTPKMTGVMEHHHHHH
;
C
3 'polypeptide(L)'
;GNKWNTTLPGGNMQFQGVIIAETCRIEAGDKQMTVNMGQISSNRFHAVGEDSAPVPFVIHLRECSTVVSERVGVAFHGVA
DGKNPDVLSVGEGPGIATNIGVALFDDEGNLVPINRPPANWKRLYSGSTSLHFIAKYRATGRRVTGGIANAQAWFSLTYQ
;
I
4 'polypeptide(L)'
;DLYFNPRFLADDPQAVADLSRFENGQELPPGTYRVDIYLNNGYMATRDVTFNTGDSEQGIVPCLTRAQLASMGLNTASVA
GMNLLADDACVPLTTMVQDATAHLDVGQQRLNLTIPQAFMSNRARGYIPPELWDPGINAGLLNYNFSGNSVQNRIGGNSH
YAYLNLQSGLNIGAWRLRDNTTWSYNSSDRSSGSKNKWQHINTWLERDIIPLRSRLTLGDGYTQGDIFDGINFRGAQLAS
DDNMLPDSQRGFAPVIHGIARGTAQVTIKQNGYDIYNSTVPPGPFTINDIYAAGNSGDLQVTIKEADGSTQIFTVPYSSV
PLLQREGHTRYSITAGEYRSGNAQQEKPRFFQSTLLHGLPAGWTIYGGTQLADRYRAFNFGIGKNMGALGALSVDMTQAN
STLPDDSQHDGQSVRFLYNKSLNESGTNIQLVGYRYSTSGYFNFADTTYSRMNGYNIETQDGVIQVKPKFTDYYNLAYNK
RGKLQLTVTQQLGRTSTLYLSGSHQTYWGTSNVDEQFQAGLNTAFEDINWTLSYSLTKNAWQKGRDQMLALNVNIPFSHW
LRSDSKSQWRHASASYSMSHDLNGRMTNLAGVYGTLLEDNNLSYSVQTGYAGGGDGNSGSTGYATLNYRGGYGNANIGYS
HSDDIKQLYYGVSGGVLAHANGVTLGQPLNDTVVLVKAPGAKDAKVENQTGVRTDWRGYAVLPYATEYRENRVALDTNTL
ADNVDLDNAVANVVPTRGAIVRAEFKARVGIKLLMTLTHNNKPLPFGAMVTSESSQSSGIVADNGQVYLSGMPLAGKVQV
KWGEEENAHCVANYQLPPESQQQLLTQLSAECRLVPRGSWSHPQFEK
;
D
#
# COMPACT_ATOMS: atom_id res chain seq x y z
N ALA A 21 36.79 2.09 -2.60
CA ALA A 21 36.93 3.13 -3.61
C ALA A 21 35.74 4.07 -3.58
N CYS A 22 34.56 3.53 -3.83
CA CYS A 22 33.35 4.34 -3.82
C CYS A 22 32.92 4.69 -2.40
N ALA A 23 32.16 5.77 -2.29
CA ALA A 23 31.61 6.21 -1.01
C ALA A 23 30.10 6.34 -1.17
N VAL A 24 29.35 5.85 -0.17
CA VAL A 24 27.90 5.98 -0.21
C VAL A 24 27.53 7.45 -0.23
N ASP A 25 26.49 7.77 -1.01
CA ASP A 25 26.07 9.16 -1.17
C ASP A 25 25.65 9.75 0.16
N ALA A 26 26.18 10.94 0.46
CA ALA A 26 25.75 11.66 1.64
C ALA A 26 24.31 12.11 1.48
N GLY A 27 23.54 11.99 2.55
CA GLY A 27 22.11 12.23 2.47
C GLY A 27 21.34 10.94 2.33
N SER A 28 21.93 9.99 1.59
CA SER A 28 21.32 8.66 1.49
C SER A 28 21.46 7.90 2.81
N VAL A 29 22.36 8.34 3.67
CA VAL A 29 22.53 7.70 4.98
C VAL A 29 21.26 7.83 5.80
N ASP A 30 20.66 9.01 5.80
CA ASP A 30 19.46 9.31 6.57
C ASP A 30 18.34 9.60 5.59
N GLN A 31 17.53 8.59 5.30
CA GLN A 31 16.46 8.69 4.32
C GLN A 31 15.14 8.31 4.97
N THR A 32 14.11 9.09 4.68
CA THR A 32 12.76 8.86 5.18
C THR A 32 11.82 8.61 4.00
N VAL A 33 11.03 7.55 4.08
CA VAL A 33 10.12 7.16 3.02
C VAL A 33 8.71 7.12 3.57
N GLN A 34 7.80 7.79 2.86
CA GLN A 34 6.39 7.86 3.27
C GLN A 34 5.57 6.90 2.42
N LEU A 35 4.86 5.99 3.09
CA LEU A 35 4.04 4.99 2.42
C LEU A 35 2.60 5.45 2.21
N GLY A 36 2.26 6.67 2.64
CA GLY A 36 0.91 7.16 2.45
C GLY A 36 -0.08 6.50 3.39
N GLN A 37 -1.33 6.44 2.93
CA GLN A 37 -2.42 5.86 3.69
C GLN A 37 -2.91 4.59 3.03
N VAL A 38 -3.12 3.55 3.84
CA VAL A 38 -3.62 2.28 3.36
C VAL A 38 -4.83 1.90 4.20
N ARG A 39 -5.98 1.74 3.54
CA ARG A 39 -7.21 1.36 4.23
C ARG A 39 -7.18 -0.12 4.60
N THR A 40 -7.95 -0.47 5.63
CA THR A 40 -7.91 -1.84 6.14
C THR A 40 -8.53 -2.84 5.18
N ALA A 41 -9.21 -2.38 4.13
CA ALA A 41 -9.77 -3.29 3.14
C ALA A 41 -8.68 -4.09 2.43
N SER A 42 -7.59 -3.42 2.08
CA SER A 42 -6.52 -4.09 1.34
C SER A 42 -5.78 -5.12 2.19
N LEU A 43 -5.86 -5.02 3.51
CA LEU A 43 -5.19 -5.94 4.43
C LEU A 43 -6.27 -6.73 5.15
N ALA A 44 -6.70 -7.84 4.55
CA ALA A 44 -7.80 -8.63 5.10
C ALA A 44 -7.29 -9.76 6.00
N GLN A 45 -6.47 -10.65 5.46
CA GLN A 45 -5.92 -11.77 6.21
C GLN A 45 -4.42 -11.84 5.98
N GLU A 46 -3.78 -12.82 6.62
CA GLU A 46 -2.33 -12.96 6.49
C GLU A 46 -1.94 -13.22 5.05
N GLY A 47 -0.93 -12.50 4.58
CA GLY A 47 -0.47 -12.58 3.22
C GLY A 47 -0.92 -11.43 2.33
N ALA A 48 -1.90 -10.66 2.76
CA ALA A 48 -2.37 -9.52 1.97
C ALA A 48 -1.30 -8.44 1.93
N THR A 49 -1.21 -7.74 0.80
CA THR A 49 -0.25 -6.68 0.59
C THR A 49 -0.98 -5.36 0.33
N SER A 50 -0.22 -4.34 -0.02
CA SER A 50 -0.75 -3.01 -0.29
C SER A 50 0.02 -2.41 -1.46
N SER A 51 -0.16 -1.10 -1.66
CA SER A 51 0.56 -0.41 -2.72
C SER A 51 2.05 -0.29 -2.37
N ALA A 52 2.86 -0.17 -3.41
CA ALA A 52 4.31 -0.09 -3.27
C ALA A 52 4.79 1.35 -3.45
N VAL A 53 5.80 1.73 -2.66
CA VAL A 53 6.37 3.07 -2.70
C VAL A 53 7.84 2.95 -3.11
N GLY A 54 8.22 3.65 -4.16
CA GLY A 54 9.58 3.55 -4.66
C GLY A 54 10.55 4.37 -3.83
N PHE A 55 11.78 3.85 -3.74
CA PHE A 55 12.89 4.55 -3.10
C PHE A 55 14.18 3.94 -3.62
N ASN A 56 15.29 4.60 -3.33
CA ASN A 56 16.57 4.18 -3.90
C ASN A 56 17.71 4.54 -2.97
N ILE A 57 18.84 3.88 -3.18
CA ILE A 57 20.08 4.15 -2.46
C ILE A 57 21.08 4.67 -3.49
N GLN A 58 21.56 5.90 -3.28
CA GLN A 58 22.41 6.54 -4.27
C GLN A 58 23.88 6.24 -4.00
N LEU A 59 24.64 6.11 -5.08
CA LEU A 59 26.08 5.90 -5.02
C LEU A 59 26.78 6.89 -5.94
N ASN A 60 27.83 7.53 -5.44
CA ASN A 60 28.55 8.54 -6.20
C ASN A 60 30.04 8.32 -6.05
N ASP A 61 30.79 8.77 -7.08
CA ASP A 61 32.24 8.63 -7.13
C ASP A 61 32.67 7.17 -7.01
N CYS A 62 32.01 6.30 -7.78
CA CYS A 62 32.36 4.88 -7.77
C CYS A 62 33.46 4.60 -8.79
N ASP A 63 34.44 3.79 -8.37
CA ASP A 63 35.52 3.34 -9.23
C ASP A 63 35.29 1.87 -9.53
N THR A 64 34.90 1.56 -10.77
CA THR A 64 34.59 0.19 -11.14
C THR A 64 35.78 -0.75 -11.09
N ASN A 65 37.00 -0.21 -11.23
CA ASN A 65 38.19 -1.07 -11.24
C ASN A 65 38.39 -1.77 -9.91
N VAL A 66 38.21 -1.04 -8.80
CA VAL A 66 38.38 -1.64 -7.48
C VAL A 66 37.23 -2.60 -7.18
N ALA A 67 36.00 -2.19 -7.47
CA ALA A 67 34.82 -3.02 -7.20
C ALA A 67 33.87 -2.91 -8.39
N SER A 68 33.38 -4.06 -8.85
CA SER A 68 32.52 -4.12 -10.03
C SER A 68 31.07 -4.47 -9.71
N LYS A 69 30.78 -4.99 -8.52
CA LYS A 69 29.42 -5.35 -8.17
C LYS A 69 29.08 -4.77 -6.79
N ALA A 70 27.80 -4.51 -6.58
CA ALA A 70 27.32 -3.94 -5.33
C ALA A 70 26.10 -4.71 -4.84
N ALA A 71 25.98 -4.80 -3.51
CA ALA A 71 24.88 -5.50 -2.88
C ALA A 71 24.50 -4.75 -1.60
N VAL A 72 23.26 -4.95 -1.17
CA VAL A 72 22.70 -4.25 -0.02
C VAL A 72 22.19 -5.29 0.98
N ALA A 73 22.51 -5.10 2.25
CA ALA A 73 22.03 -5.96 3.33
C ALA A 73 21.20 -5.13 4.29
N PHE A 74 20.00 -5.61 4.61
CA PHE A 74 19.08 -4.92 5.49
C PHE A 74 19.05 -5.60 6.85
N LEU A 75 19.16 -4.80 7.92
CA LEU A 75 19.10 -5.30 9.28
C LEU A 75 18.04 -4.51 10.04
N GLY A 76 17.06 -5.21 10.60
CA GLY A 76 15.98 -4.56 11.31
C GLY A 76 15.19 -5.55 12.12
N THR A 77 14.44 -5.02 13.08
CA THR A 77 13.66 -5.86 13.98
C THR A 77 12.52 -6.53 13.23
N ALA A 78 12.31 -7.81 13.51
CA ALA A 78 11.25 -8.59 12.89
C ALA A 78 9.98 -8.51 13.74
N ILE A 79 8.83 -8.47 13.05
CA ILE A 79 7.56 -8.38 13.77
C ILE A 79 7.31 -9.64 14.59
N ASP A 80 7.68 -10.80 14.06
CA ASP A 80 7.48 -12.04 14.77
C ASP A 80 8.52 -13.05 14.29
N ALA A 81 8.67 -14.13 15.04
CA ALA A 81 9.67 -15.14 14.71
C ALA A 81 9.40 -15.76 13.34
N GLY A 82 8.15 -16.08 13.03
CA GLY A 82 7.82 -16.74 11.78
C GLY A 82 7.75 -15.85 10.57
N HIS A 83 7.97 -14.55 10.73
CA HIS A 83 7.89 -13.58 9.64
C HIS A 83 9.09 -12.65 9.67
N THR A 84 10.29 -13.23 9.77
CA THR A 84 11.51 -12.43 9.86
C THR A 84 11.70 -11.51 8.66
N ASN A 85 11.10 -11.85 7.51
CA ASN A 85 11.18 -11.01 6.33
C ASN A 85 10.24 -9.80 6.39
N VAL A 86 9.67 -9.51 7.56
CA VAL A 86 8.74 -8.39 7.73
C VAL A 86 9.19 -7.59 8.96
N LEU A 87 9.25 -6.27 8.82
CA LEU A 87 9.69 -5.41 9.89
C LEU A 87 8.65 -5.34 11.00
N ALA A 88 9.08 -4.82 12.15
CA ALA A 88 8.21 -4.63 13.30
C ALA A 88 7.79 -3.17 13.42
N LEU A 89 6.65 -2.94 14.04
CA LEU A 89 6.08 -1.60 14.16
C LEU A 89 6.34 -1.04 15.55
N GLN A 90 6.86 0.18 15.61
CA GLN A 90 7.12 0.83 16.88
C GLN A 90 5.82 1.20 17.57
N SER A 91 5.77 0.99 18.88
CA SER A 91 4.60 1.39 19.65
C SER A 91 4.51 2.91 19.72
N SER A 92 3.28 3.42 19.67
CA SER A 92 3.03 4.85 19.72
C SER A 92 1.95 5.14 20.75
N ALA A 93 2.11 6.24 21.47
CA ALA A 93 1.10 6.64 22.45
C ALA A 93 -0.23 6.98 21.78
N ALA A 94 -0.22 7.33 20.50
CA ALA A 94 -1.45 7.56 19.75
C ALA A 94 -2.07 6.27 19.23
N GLY A 95 -1.38 5.14 19.36
CA GLY A 95 -1.91 3.87 18.92
C GLY A 95 -1.37 3.42 17.58
N SER A 96 -0.44 2.48 17.60
CA SER A 96 0.11 1.94 16.36
C SER A 96 -0.77 0.82 15.83
N ALA A 97 -0.49 0.41 14.59
CA ALA A 97 -1.22 -0.70 13.99
C ALA A 97 -0.83 -2.01 14.66
N THR A 98 -1.70 -3.01 14.49
CA THR A 98 -1.49 -4.34 15.05
C THR A 98 -1.54 -5.37 13.94
N ASN A 99 -0.67 -6.38 14.04
CA ASN A 99 -0.62 -7.50 13.09
C ASN A 99 -0.33 -7.05 11.68
N VAL A 100 0.34 -5.90 11.52
CA VAL A 100 0.74 -5.40 10.22
C VAL A 100 2.23 -5.07 10.30
N GLY A 101 2.93 -5.22 9.18
CA GLY A 101 4.35 -4.96 9.15
C GLY A 101 4.76 -4.35 7.82
N VAL A 102 6.04 -4.04 7.71
CA VAL A 102 6.60 -3.40 6.53
C VAL A 102 7.49 -4.41 5.82
N GLN A 103 7.27 -4.58 4.52
CA GLN A 103 8.01 -5.51 3.69
C GLN A 103 8.83 -4.74 2.66
N ILE A 104 10.05 -5.23 2.41
CA ILE A 104 10.99 -4.59 1.50
C ILE A 104 11.29 -5.55 0.37
N LEU A 105 11.18 -5.08 -0.87
CA LEU A 105 11.40 -5.88 -2.06
C LEU A 105 12.54 -5.28 -2.88
N ASP A 106 13.33 -6.13 -3.51
CA ASP A 106 14.42 -5.69 -4.37
C ASP A 106 13.85 -5.34 -5.75
N ARG A 107 14.73 -5.06 -6.70
CA ARG A 107 14.29 -4.73 -8.05
C ARG A 107 13.68 -5.92 -8.78
N THR A 108 13.97 -7.14 -8.33
CA THR A 108 13.44 -8.34 -8.97
C THR A 108 12.07 -8.75 -8.46
N GLY A 109 11.51 -8.00 -7.50
CA GLY A 109 10.21 -8.33 -6.96
C GLY A 109 10.21 -9.40 -5.88
N ALA A 110 11.37 -9.89 -5.48
CA ALA A 110 11.47 -10.91 -4.45
C ALA A 110 11.63 -10.27 -3.09
N ALA A 111 10.96 -10.85 -2.08
CA ALA A 111 11.07 -10.33 -0.72
C ALA A 111 12.47 -10.54 -0.17
N LEU A 112 12.93 -9.60 0.65
CA LEU A 112 14.23 -9.67 1.28
C LEU A 112 14.09 -9.93 2.77
N THR A 113 14.88 -10.88 3.27
CA THR A 113 14.86 -11.21 4.68
C THR A 113 15.65 -10.17 5.48
N LEU A 114 15.41 -10.16 6.79
CA LEU A 114 16.04 -9.19 7.68
C LEU A 114 17.02 -9.83 8.65
N ASP A 115 17.58 -10.98 8.29
CA ASP A 115 18.53 -11.66 9.15
C ASP A 115 19.82 -10.85 9.33
N GLY A 116 20.08 -9.88 8.45
CA GLY A 116 21.27 -9.08 8.51
C GLY A 116 22.45 -9.60 7.72
N ALA A 117 22.33 -10.79 7.10
CA ALA A 117 23.40 -11.34 6.29
C ALA A 117 22.91 -11.79 4.92
N THR A 118 21.73 -11.36 4.49
CA THR A 118 21.17 -11.75 3.21
C THR A 118 21.34 -10.59 2.23
N PHE A 119 22.35 -10.69 1.37
CA PHE A 119 22.59 -9.68 0.37
C PHE A 119 21.52 -9.75 -0.72
N SER A 120 21.10 -8.58 -1.20
CA SER A 120 20.08 -8.52 -2.24
C SER A 120 20.69 -8.89 -3.60
N SER A 121 19.90 -8.71 -4.65
CA SER A 121 20.37 -9.00 -5.99
C SER A 121 21.56 -8.11 -6.35
N GLU A 122 22.71 -8.75 -6.55
CA GLU A 122 23.94 -8.03 -6.85
C GLU A 122 23.77 -7.28 -8.17
N THR A 123 24.07 -5.98 -8.16
CA THR A 123 23.93 -5.14 -9.34
C THR A 123 25.30 -4.67 -9.81
N THR A 124 25.48 -4.61 -11.12
CA THR A 124 26.75 -4.17 -11.68
C THR A 124 26.94 -2.68 -11.43
N LEU A 125 28.07 -2.34 -10.81
CA LEU A 125 28.42 -0.95 -10.56
C LEU A 125 28.93 -0.28 -11.83
N ASN A 126 28.65 1.00 -11.95
CA ASN A 126 29.05 1.77 -13.13
C ASN A 126 29.72 3.07 -12.68
N ASN A 127 30.60 3.59 -13.54
CA ASN A 127 31.26 4.86 -13.26
C ASN A 127 30.24 5.98 -13.24
N GLY A 128 30.39 6.88 -12.27
CA GLY A 128 29.44 7.96 -12.10
C GLY A 128 28.41 7.65 -11.03
N THR A 129 27.31 8.39 -11.09
CA THR A 129 26.23 8.20 -10.13
C THR A 129 25.53 6.86 -10.38
N ASN A 130 25.40 6.06 -9.32
CA ASN A 130 24.76 4.77 -9.40
C ASN A 130 23.54 4.74 -8.50
N THR A 131 22.43 4.24 -9.05
CA THR A 131 21.15 4.18 -8.34
C THR A 131 20.74 2.72 -8.23
N ILE A 132 20.44 2.28 -7.01
CA ILE A 132 19.96 0.92 -6.77
C ILE A 132 18.56 0.99 -6.19
N PRO A 133 17.52 0.86 -7.00
CA PRO A 133 16.16 1.05 -6.50
C PRO A 133 15.66 -0.15 -5.69
N PHE A 134 14.71 0.14 -4.81
CA PHE A 134 14.02 -0.87 -4.01
C PHE A 134 12.58 -0.42 -3.81
N GLN A 135 11.75 -1.33 -3.29
CA GLN A 135 10.35 -1.04 -3.06
C GLN A 135 9.98 -1.38 -1.63
N ALA A 136 8.99 -0.67 -1.10
CA ALA A 136 8.48 -0.92 0.25
C ALA A 136 6.97 -0.99 0.21
N ARG A 137 6.40 -1.83 1.07
CA ARG A 137 4.96 -2.00 1.09
C ARG A 137 4.52 -2.52 2.46
N TYR A 138 3.21 -2.64 2.63
CA TYR A 138 2.63 -3.14 3.86
C TYR A 138 2.25 -4.60 3.68
N PHE A 139 2.67 -5.44 4.63
CA PHE A 139 2.35 -6.86 4.63
C PHE A 139 1.51 -7.16 5.86
N ALA A 140 0.35 -7.75 5.65
CA ALA A 140 -0.58 -8.06 6.74
C ALA A 140 -0.24 -9.44 7.29
N THR A 141 0.23 -9.49 8.53
CA THR A 141 0.46 -10.75 9.22
C THR A 141 -0.74 -11.21 10.02
N GLY A 142 -1.84 -10.47 9.97
CA GLY A 142 -3.03 -10.83 10.72
C GLY A 142 -4.13 -9.83 10.47
N ALA A 143 -5.07 -9.77 11.41
CA ALA A 143 -6.14 -8.79 11.31
C ALA A 143 -5.58 -7.38 11.36
N ALA A 144 -6.03 -6.54 10.44
CA ALA A 144 -5.51 -5.18 10.34
C ALA A 144 -6.30 -4.23 11.24
N THR A 145 -5.59 -3.51 12.10
CA THR A 145 -6.18 -2.52 12.99
C THR A 145 -5.58 -1.16 12.69
N PRO A 146 -6.40 -0.13 12.51
CA PRO A 146 -5.87 1.16 12.07
C PRO A 146 -5.02 1.83 13.14
N GLY A 147 -4.26 2.83 12.70
CA GLY A 147 -3.38 3.59 13.56
C GLY A 147 -2.14 3.99 12.79
N ALA A 148 -1.20 4.62 13.50
CA ALA A 148 0.06 5.00 12.88
C ALA A 148 0.89 3.76 12.59
N ALA A 149 1.78 3.87 11.59
CA ALA A 149 2.68 2.79 11.19
C ALA A 149 4.05 3.40 10.99
N ASN A 150 4.88 3.32 12.02
CA ASN A 150 6.25 3.84 11.99
C ASN A 150 7.22 2.68 12.17
N ALA A 151 8.11 2.50 11.20
CA ALA A 151 9.12 1.46 11.29
C ALA A 151 10.45 2.02 10.81
N ASP A 152 11.52 1.29 11.08
CA ASP A 152 12.84 1.71 10.63
C ASP A 152 13.75 0.50 10.51
N ALA A 153 14.60 0.51 9.48
CA ALA A 153 15.52 -0.58 9.23
C ALA A 153 16.91 -0.01 8.93
N THR A 154 17.92 -0.76 9.31
CA THR A 154 19.32 -0.38 9.07
C THR A 154 19.82 -1.16 7.85
N PHE A 155 20.32 -0.43 6.86
CA PHE A 155 20.78 -1.02 5.61
C PHE A 155 22.30 -0.92 5.52
N LYS A 156 22.91 -1.97 4.98
CA LYS A 156 24.35 -2.05 4.82
C LYS A 156 24.69 -2.21 3.35
N VAL A 157 25.63 -1.40 2.86
CA VAL A 157 26.05 -1.45 1.47
C VAL A 157 27.39 -2.19 1.39
N GLN A 158 27.45 -3.22 0.55
CA GLN A 158 28.62 -4.06 0.42
C GLN A 158 29.16 -3.96 -1.00
N TYR A 159 30.48 -3.82 -1.11
CA TYR A 159 31.16 -3.68 -2.40
C TYR A 159 31.98 -4.93 -2.69
N GLN A 160 31.94 -5.37 -3.94
CA GLN A 160 32.71 -6.53 -4.37
C GLN A 160 33.57 -6.20 -5.59
N GLY B 2 -22.03 -2.81 -4.19
CA GLY B 2 -22.16 -2.14 -2.91
C GLY B 2 -21.32 -0.88 -2.80
N VAL B 3 -21.72 0.01 -1.90
CA VAL B 3 -21.04 1.28 -1.69
C VAL B 3 -20.24 1.19 -0.40
N ALA B 4 -19.12 1.93 -0.36
CA ALA B 4 -18.26 1.91 0.81
C ALA B 4 -17.64 3.28 1.01
N LEU B 5 -17.56 3.71 2.27
CA LEU B 5 -16.90 4.97 2.60
C LEU B 5 -15.43 4.75 2.88
N GLY B 6 -14.62 5.77 2.59
CA GLY B 6 -13.19 5.66 2.83
C GLY B 6 -12.83 5.56 4.30
N ALA B 7 -13.48 6.37 5.13
CA ALA B 7 -13.18 6.42 6.55
C ALA B 7 -14.48 6.42 7.34
N THR B 8 -14.38 6.08 8.63
CA THR B 8 -15.53 6.03 9.51
C THR B 8 -15.87 7.38 10.13
N ARG B 9 -14.86 8.23 10.36
CA ARG B 9 -15.10 9.58 10.86
C ARG B 9 -14.15 10.52 10.15
N VAL B 10 -14.59 11.77 9.98
CA VAL B 10 -13.84 12.77 9.24
C VAL B 10 -13.51 13.93 10.16
N ILE B 11 -12.21 14.26 10.24
CA ILE B 11 -11.72 15.35 11.07
C ILE B 11 -11.54 16.58 10.18
N TYR B 12 -12.26 17.65 10.48
CA TYR B 12 -12.21 18.87 9.71
C TYR B 12 -11.50 19.95 10.51
N PRO B 13 -10.25 20.28 10.18
CA PRO B 13 -9.54 21.34 10.93
C PRO B 13 -10.03 22.72 10.52
N ALA B 14 -10.27 23.58 11.51
CA ALA B 14 -10.73 24.93 11.22
C ALA B 14 -9.62 25.71 10.52
N GLY B 15 -10.03 26.50 9.52
CA GLY B 15 -9.12 27.27 8.70
C GLY B 15 -8.88 26.65 7.34
N GLN B 16 -8.89 25.32 7.25
CA GLN B 16 -8.74 24.65 5.97
C GLN B 16 -9.98 24.86 5.12
N LYS B 17 -9.77 25.11 3.82
CA LYS B 17 -10.88 25.47 2.94
C LYS B 17 -11.82 24.28 2.72
N GLN B 18 -11.27 23.10 2.46
CA GLN B 18 -12.09 21.96 2.09
C GLN B 18 -11.46 20.69 2.64
N GLU B 19 -12.23 19.60 2.56
CA GLU B 19 -11.75 18.27 2.93
C GLU B 19 -12.20 17.26 1.88
N GLN B 20 -11.50 16.13 1.84
CA GLN B 20 -11.73 15.10 0.83
C GLN B 20 -12.17 13.81 1.49
N LEU B 21 -13.09 13.10 0.84
CA LEU B 21 -13.55 11.80 1.33
C LEU B 21 -13.86 10.91 0.13
N ALA B 22 -13.45 9.65 0.19
CA ALA B 22 -13.60 8.76 -0.95
C ALA B 22 -14.86 7.89 -0.80
N VAL B 23 -15.52 7.64 -1.93
CA VAL B 23 -16.67 6.75 -1.99
C VAL B 23 -16.41 5.72 -3.08
N THR B 24 -16.40 4.43 -2.69
CA THR B 24 -15.98 3.36 -3.58
C THR B 24 -17.14 2.42 -3.87
N ASN B 25 -17.09 1.78 -5.04
CA ASN B 25 -18.02 0.72 -5.42
C ASN B 25 -17.25 -0.30 -6.24
N ASN B 26 -17.34 -1.57 -5.84
CA ASN B 26 -16.58 -2.64 -6.47
C ASN B 26 -17.47 -3.67 -7.15
N ASP B 27 -18.74 -3.34 -7.37
CA ASP B 27 -19.67 -4.22 -8.07
C ASP B 27 -19.82 -3.71 -9.50
N GLU B 28 -19.19 -4.40 -10.45
CA GLU B 28 -19.11 -3.93 -11.82
C GLU B 28 -20.44 -4.00 -12.56
N ASN B 29 -21.45 -4.64 -11.99
CA ASN B 29 -22.73 -4.79 -12.67
C ASN B 29 -23.86 -4.15 -11.87
N SER B 30 -23.63 -2.94 -11.36
CA SER B 30 -24.67 -2.22 -10.61
C SER B 30 -24.50 -0.73 -10.85
N THR B 31 -25.61 -0.05 -11.13
CA THR B 31 -25.63 1.39 -11.31
C THR B 31 -26.04 2.04 -10.00
N TYR B 32 -25.27 3.03 -9.55
CA TYR B 32 -25.48 3.65 -8.25
C TYR B 32 -25.60 5.16 -8.40
N LEU B 33 -26.74 5.71 -7.99
CA LEU B 33 -26.92 7.14 -7.86
C LEU B 33 -26.51 7.53 -6.45
N ILE B 34 -25.43 8.28 -6.32
CA ILE B 34 -24.89 8.69 -5.02
C ILE B 34 -25.44 10.07 -4.69
N GLN B 35 -26.00 10.19 -3.49
CA GLN B 35 -26.46 11.46 -2.94
C GLN B 35 -25.77 11.69 -1.61
N SER B 36 -25.42 12.94 -1.32
CA SER B 36 -24.66 13.26 -0.12
C SER B 36 -25.23 14.50 0.55
N TRP B 37 -25.15 14.54 1.88
CA TRP B 37 -25.49 15.77 2.60
C TRP B 37 -24.91 15.70 4.00
N VAL B 38 -25.08 16.81 4.73
CA VAL B 38 -24.55 16.96 6.08
C VAL B 38 -25.65 17.53 6.97
N GLU B 39 -25.81 16.97 8.16
CA GLU B 39 -26.80 17.40 9.13
C GLU B 39 -26.12 17.77 10.45
N ASN B 40 -26.85 18.49 11.28
CA ASN B 40 -26.32 18.97 12.56
C ASN B 40 -26.30 17.83 13.57
N ALA B 41 -26.02 18.16 14.83
CA ALA B 41 -25.93 17.14 15.87
C ALA B 41 -27.26 16.42 16.08
N ASP B 42 -28.38 17.11 15.84
CA ASP B 42 -29.70 16.52 16.02
C ASP B 42 -30.21 15.80 14.79
N GLY B 43 -29.43 15.77 13.71
CA GLY B 43 -29.88 15.10 12.50
C GLY B 43 -30.76 15.93 11.60
N VAL B 44 -30.73 17.26 11.74
CA VAL B 44 -31.52 18.16 10.92
C VAL B 44 -30.60 18.75 9.84
N LYS B 45 -31.09 18.74 8.59
CA LYS B 45 -30.29 19.24 7.48
C LYS B 45 -29.94 20.71 7.70
N ASP B 46 -28.66 21.03 7.53
CA ASP B 46 -28.16 22.38 7.77
C ASP B 46 -27.18 22.76 6.66
N GLY B 47 -27.11 24.06 6.40
CA GLY B 47 -26.25 24.60 5.36
C GLY B 47 -24.86 24.98 5.81
N ARG B 48 -24.47 24.65 7.04
CA ARG B 48 -23.13 25.01 7.51
C ARG B 48 -22.04 24.23 6.78
N PHE B 49 -22.37 23.12 6.14
CA PHE B 49 -21.42 22.35 5.36
C PHE B 49 -22.06 21.97 4.03
N ILE B 50 -21.25 21.97 2.98
CA ILE B 50 -21.71 21.66 1.63
C ILE B 50 -20.89 20.47 1.12
N VAL B 51 -21.56 19.54 0.46
CA VAL B 51 -20.89 18.39 -0.14
C VAL B 51 -21.01 18.49 -1.66
N THR B 52 -19.89 18.30 -2.34
CA THR B 52 -19.83 18.40 -3.79
C THR B 52 -19.25 17.11 -4.35
N PRO B 53 -19.92 16.45 -5.30
CA PRO B 53 -21.24 16.77 -5.83
C PRO B 53 -22.35 16.30 -4.91
N PRO B 54 -23.44 17.07 -4.80
CA PRO B 54 -24.59 16.59 -4.01
C PRO B 54 -25.20 15.31 -4.55
N LEU B 55 -25.18 15.11 -5.87
CA LEU B 55 -25.73 13.90 -6.45
C LEU B 55 -25.04 13.63 -7.78
N PHE B 56 -24.71 12.37 -8.02
CA PHE B 56 -24.07 11.98 -9.28
C PHE B 56 -24.33 10.50 -9.51
N ALA B 57 -23.81 9.99 -10.63
CA ALA B 57 -24.04 8.61 -11.05
C ALA B 57 -22.72 7.88 -11.21
N MET B 58 -22.69 6.62 -10.78
CA MET B 58 -21.52 5.77 -10.89
C MET B 58 -21.92 4.44 -11.52
N LYS B 59 -21.11 3.97 -12.47
CA LYS B 59 -21.34 2.70 -13.14
C LYS B 59 -20.07 1.88 -13.09
N GLY B 60 -20.21 0.59 -12.82
CA GLY B 60 -19.06 -0.30 -12.79
C GLY B 60 -18.20 -0.07 -11.56
N LYS B 61 -17.09 -0.82 -11.51
CA LYS B 61 -16.13 -0.69 -10.42
C LYS B 61 -15.47 0.68 -10.51
N LYS B 62 -15.83 1.58 -9.60
CA LYS B 62 -15.33 2.95 -9.67
C LYS B 62 -15.44 3.58 -8.30
N GLU B 63 -14.63 4.62 -8.08
CA GLU B 63 -14.71 5.41 -6.87
C GLU B 63 -14.64 6.89 -7.22
N ASN B 64 -15.32 7.70 -6.43
CA ASN B 64 -15.40 9.13 -6.61
C ASN B 64 -14.94 9.85 -5.36
N THR B 65 -14.69 11.14 -5.51
CA THR B 65 -14.15 11.99 -4.45
C THR B 65 -15.21 13.03 -4.09
N LEU B 66 -15.70 12.95 -2.86
CA LEU B 66 -16.60 13.97 -2.32
C LEU B 66 -15.78 15.04 -1.63
N ARG B 67 -16.09 16.29 -1.93
CA ARG B 67 -15.40 17.44 -1.34
C ARG B 67 -16.35 18.14 -0.37
N ILE B 68 -15.88 18.32 0.86
CA ILE B 68 -16.65 18.96 1.91
C ILE B 68 -16.14 20.39 2.05
N LEU B 69 -17.04 21.36 1.87
CA LEU B 69 -16.72 22.77 1.94
C LEU B 69 -17.41 23.39 3.16
N ASP B 70 -16.66 24.23 3.87
CA ASP B 70 -17.19 24.93 5.03
C ASP B 70 -18.01 26.13 4.58
N ALA B 71 -19.11 26.40 5.29
CA ALA B 71 -19.88 27.62 5.09
C ALA B 71 -20.25 28.28 6.41
N THR B 72 -19.70 27.79 7.53
CA THR B 72 -19.97 28.41 8.81
C THR B 72 -19.51 29.86 8.85
N ASN B 73 -18.49 30.20 8.06
CA ASN B 73 -17.94 31.55 7.99
C ASN B 73 -17.54 32.05 9.38
N ASN B 74 -16.87 31.16 10.12
CA ASN B 74 -16.35 31.46 11.46
C ASN B 74 -17.48 31.86 12.41
N GLN B 75 -18.46 30.98 12.53
CA GLN B 75 -19.57 31.14 13.46
C GLN B 75 -19.64 29.98 14.45
N LEU B 76 -18.49 29.38 14.76
CA LEU B 76 -18.41 28.26 15.69
C LEU B 76 -17.32 28.53 16.72
N PRO B 77 -17.44 27.95 17.92
CA PRO B 77 -16.44 28.19 18.96
C PRO B 77 -15.08 27.65 18.57
N GLN B 78 -14.04 28.32 19.07
CA GLN B 78 -12.66 27.91 18.85
C GLN B 78 -12.05 27.21 20.06
N ASP B 79 -12.86 26.88 21.07
CA ASP B 79 -12.37 26.25 22.28
C ASP B 79 -12.77 24.78 22.42
N ARG B 80 -13.82 24.35 21.74
CA ARG B 80 -14.26 22.96 21.79
C ARG B 80 -14.55 22.47 20.38
N GLU B 81 -14.51 21.16 20.21
CA GLU B 81 -14.87 20.56 18.93
C GLU B 81 -16.38 20.60 18.73
N SER B 82 -16.80 20.41 17.48
CA SER B 82 -18.20 20.41 17.11
C SER B 82 -18.53 19.14 16.35
N LEU B 83 -19.78 18.70 16.45
CA LEU B 83 -20.23 17.43 15.91
C LEU B 83 -21.19 17.68 14.74
N PHE B 84 -21.03 16.89 13.67
CA PHE B 84 -21.96 16.88 12.56
C PHE B 84 -22.08 15.45 12.05
N TRP B 85 -23.11 15.19 11.27
CA TRP B 85 -23.35 13.87 10.71
C TRP B 85 -23.34 13.95 9.19
N MET B 86 -22.44 13.21 8.56
CA MET B 86 -22.42 13.13 7.10
C MET B 86 -23.19 11.91 6.65
N ASN B 87 -24.14 12.12 5.75
CA ASN B 87 -24.99 11.06 5.25
C ASN B 87 -24.75 10.85 3.76
N VAL B 88 -24.51 9.59 3.38
CA VAL B 88 -24.25 9.20 2.00
C VAL B 88 -25.24 8.10 1.64
N LYS B 89 -26.11 8.37 0.67
CA LYS B 89 -27.10 7.41 0.21
C LYS B 89 -26.74 6.91 -1.18
N ALA B 90 -26.96 5.61 -1.41
CA ALA B 90 -26.62 4.96 -2.67
C ALA B 90 -27.88 4.32 -3.25
N ILE B 91 -28.63 5.10 -4.02
CA ILE B 91 -29.82 4.57 -4.68
C ILE B 91 -29.40 3.59 -5.76
N PRO B 92 -30.02 2.40 -5.85
CA PRO B 92 -29.69 1.43 -6.91
C PRO B 92 -30.08 1.94 -8.29
N ASN B 102 -45.04 -6.91 -7.52
CA ASN B 102 -44.47 -5.73 -6.87
C ASN B 102 -43.13 -6.03 -6.24
N THR B 103 -42.38 -4.99 -5.88
CA THR B 103 -41.06 -5.17 -5.30
C THR B 103 -40.72 -4.00 -4.39
N LEU B 104 -39.79 -4.26 -3.48
CA LEU B 104 -39.28 -3.27 -2.55
C LEU B 104 -37.81 -3.00 -2.90
N GLN B 105 -37.48 -1.74 -3.15
CA GLN B 105 -36.09 -1.38 -3.43
C GLN B 105 -35.40 -0.95 -2.16
N LEU B 106 -34.17 -1.43 -1.95
CA LEU B 106 -33.41 -1.12 -0.75
C LEU B 106 -32.39 -0.04 -1.08
N ALA B 107 -32.55 1.12 -0.46
CA ALA B 107 -31.62 2.23 -0.59
C ALA B 107 -30.79 2.30 0.69
N ILE B 108 -29.47 2.23 0.54
CA ILE B 108 -28.57 2.16 1.67
C ILE B 108 -28.02 3.55 1.96
N ILE B 109 -28.27 4.05 3.17
CA ILE B 109 -27.76 5.34 3.61
C ILE B 109 -26.84 5.11 4.80
N SER B 110 -25.60 5.58 4.68
CA SER B 110 -24.59 5.43 5.71
C SER B 110 -24.34 6.77 6.38
N ARG B 111 -24.26 6.75 7.71
CA ARG B 111 -24.04 7.95 8.50
C ARG B 111 -22.68 7.85 9.18
N ILE B 112 -21.87 8.89 9.04
CA ILE B 112 -20.55 8.94 9.66
C ILE B 112 -20.41 10.24 10.44
N LYS B 113 -19.45 10.25 11.35
CA LYS B 113 -19.25 11.41 12.22
C LYS B 113 -18.30 12.42 11.58
N LEU B 114 -18.55 13.69 11.86
CA LEU B 114 -17.76 14.80 11.35
C LEU B 114 -17.37 15.68 12.53
N TYR B 115 -16.07 15.70 12.85
CA TYR B 115 -15.56 16.45 13.99
C TYR B 115 -14.89 17.72 13.49
N TYR B 116 -15.55 18.86 13.70
CA TYR B 116 -14.98 20.17 13.40
C TYR B 116 -14.06 20.55 14.55
N ARG B 117 -12.76 20.65 14.28
CA ARG B 117 -11.75 20.80 15.32
C ARG B 117 -11.04 22.14 15.19
N PRO B 118 -11.07 22.99 16.22
CA PRO B 118 -10.37 24.27 16.14
C PRO B 118 -8.85 24.08 16.21
N ALA B 119 -8.15 25.16 15.84
CA ALA B 119 -6.70 25.10 15.78
C ALA B 119 -6.08 25.04 17.17
N LYS B 120 -6.33 26.06 17.99
CA LYS B 120 -5.73 26.13 19.32
C LYS B 120 -6.43 25.14 20.25
N LEU B 121 -5.65 24.22 20.82
CA LEU B 121 -6.18 23.24 21.76
C LEU B 121 -5.10 22.90 22.78
N ALA B 122 -5.46 22.97 24.05
CA ALA B 122 -4.48 22.70 25.11
C ALA B 122 -4.14 21.22 25.18
N LEU B 123 -5.15 20.36 25.16
CA LEU B 123 -4.93 18.93 25.34
C LEU B 123 -4.90 18.22 24.00
N PRO B 124 -3.82 17.53 23.67
CA PRO B 124 -3.80 16.73 22.44
C PRO B 124 -4.84 15.63 22.52
N PRO B 125 -5.36 15.20 21.36
CA PRO B 125 -6.48 14.23 21.39
C PRO B 125 -6.16 12.92 22.07
N ASP B 126 -4.93 12.44 21.99
CA ASP B 126 -4.59 11.13 22.54
C ASP B 126 -4.76 11.10 24.06
N GLN B 127 -4.35 12.17 24.74
CA GLN B 127 -4.36 12.21 26.19
C GLN B 127 -5.74 12.51 26.77
N ALA B 128 -6.73 12.83 25.92
CA ALA B 128 -8.06 13.15 26.43
C ALA B 128 -8.73 11.92 27.05
N ALA B 129 -8.44 10.73 26.51
CA ALA B 129 -9.10 9.52 27.00
C ALA B 129 -8.76 9.24 28.46
N GLU B 130 -7.50 9.42 28.84
CA GLU B 130 -7.09 9.10 30.20
C GLU B 130 -7.57 10.11 31.23
N LYS B 131 -8.14 11.24 30.80
CA LYS B 131 -8.60 12.26 31.73
C LYS B 131 -10.08 12.17 32.05
N LEU B 132 -10.79 11.19 31.50
CA LEU B 132 -12.22 11.06 31.76
C LEU B 132 -12.44 10.69 33.23
N ARG B 133 -13.51 11.21 33.81
CA ARG B 133 -13.84 10.97 35.20
C ARG B 133 -15.25 10.37 35.32
N PHE B 134 -15.47 9.64 36.41
CA PHE B 134 -16.71 8.92 36.62
C PHE B 134 -17.33 9.32 37.95
N ARG B 135 -18.66 9.25 38.01
CA ARG B 135 -19.41 9.49 39.24
C ARG B 135 -20.52 8.45 39.32
N ARG B 136 -20.47 7.62 40.36
CA ARG B 136 -21.41 6.52 40.53
C ARG B 136 -22.57 6.98 41.39
N SER B 137 -23.76 7.02 40.80
CA SER B 137 -24.97 7.37 41.53
C SER B 137 -25.62 6.09 42.06
N ALA B 138 -26.86 6.20 42.53
CA ALA B 138 -27.54 5.05 43.13
C ALA B 138 -27.71 3.92 42.11
N ASN B 139 -28.18 4.26 40.90
CA ASN B 139 -28.35 3.24 39.87
C ASN B 139 -27.92 3.72 38.49
N SER B 140 -27.08 4.75 38.42
CA SER B 140 -26.62 5.28 37.15
C SER B 140 -25.20 5.78 37.31
N LEU B 141 -24.48 5.83 36.18
CA LEU B 141 -23.10 6.30 36.14
C LEU B 141 -23.03 7.53 35.24
N THR B 142 -22.39 8.58 35.74
CA THR B 142 -22.26 9.84 35.01
C THR B 142 -20.81 10.07 34.64
N LEU B 143 -20.57 10.38 33.38
CA LEU B 143 -19.23 10.53 32.83
C LEU B 143 -18.89 12.01 32.73
N ILE B 144 -18.10 12.51 33.66
CA ILE B 144 -17.61 13.89 33.59
C ILE B 144 -16.43 13.91 32.62
N ASN B 145 -16.51 14.77 31.61
CA ASN B 145 -15.50 14.82 30.55
C ASN B 145 -15.02 16.26 30.39
N PRO B 146 -14.03 16.66 31.20
CA PRO B 146 -13.52 18.03 31.09
C PRO B 146 -12.54 18.21 29.93
N THR B 147 -12.50 17.22 29.02
CA THR B 147 -11.63 17.34 27.86
C THR B 147 -12.32 18.14 26.75
N PRO B 148 -11.54 18.80 25.88
CA PRO B 148 -12.14 19.60 24.81
C PRO B 148 -12.48 18.77 23.57
N TYR B 149 -12.51 17.46 23.70
CA TYR B 149 -12.77 16.56 22.58
C TYR B 149 -14.01 15.72 22.86
N TYR B 150 -14.75 15.38 21.80
CA TYR B 150 -15.81 14.39 21.92
C TYR B 150 -15.20 13.05 22.31
N LEU B 151 -15.85 12.35 23.24
CA LEU B 151 -15.37 11.05 23.68
C LEU B 151 -16.37 9.98 23.30
N THR B 152 -15.91 8.96 22.57
CA THR B 152 -16.75 7.84 22.16
C THR B 152 -16.34 6.65 23.04
N VAL B 153 -17.03 6.49 24.17
CA VAL B 153 -16.66 5.48 25.15
C VAL B 153 -17.40 4.18 24.86
N THR B 154 -16.64 3.12 24.63
CA THR B 154 -17.20 1.79 24.43
C THR B 154 -16.51 0.80 25.36
N GLU B 155 -16.93 -0.46 25.35
CA GLU B 155 -16.38 -1.49 26.22
C GLU B 155 -16.47 -1.08 27.68
N LEU B 156 -17.54 -0.36 28.03
CA LEU B 156 -17.73 0.14 29.39
C LEU B 156 -18.17 -1.04 30.25
N ASN B 157 -17.21 -1.80 30.74
CA ASN B 157 -17.47 -2.99 31.53
C ASN B 157 -17.39 -2.67 33.02
N ALA B 158 -18.38 -3.12 33.77
CA ALA B 158 -18.46 -2.90 35.21
C ALA B 158 -18.45 -4.26 35.89
N GLY B 159 -17.27 -4.72 36.27
CA GLY B 159 -17.14 -6.03 36.88
C GLY B 159 -17.55 -7.11 35.89
N THR B 160 -18.53 -7.92 36.28
CA THR B 160 -19.07 -8.95 35.40
C THR B 160 -20.22 -8.47 34.54
N ARG B 161 -20.60 -7.20 34.67
CA ARG B 161 -21.70 -6.61 33.91
C ARG B 161 -21.15 -5.57 32.96
N VAL B 162 -21.47 -5.71 31.68
CA VAL B 162 -21.04 -4.77 30.66
C VAL B 162 -22.15 -3.75 30.41
N LEU B 163 -21.78 -2.48 30.30
CA LEU B 163 -22.72 -1.40 30.10
C LEU B 163 -22.80 -1.00 28.63
N GLU B 164 -23.74 -0.10 28.34
CA GLU B 164 -23.95 0.37 26.98
C GLU B 164 -22.92 1.42 26.61
N ASN B 165 -22.63 1.50 25.31
CA ASN B 165 -21.70 2.51 24.80
C ASN B 165 -22.31 3.90 24.88
N ALA B 166 -21.46 4.92 24.90
CA ALA B 166 -21.93 6.28 25.07
C ALA B 166 -21.03 7.24 24.30
N LEU B 167 -21.57 8.44 24.05
CA LEU B 167 -20.85 9.52 23.40
C LEU B 167 -21.02 10.78 24.23
N VAL B 168 -19.92 11.33 24.71
CA VAL B 168 -19.93 12.46 25.64
C VAL B 168 -19.36 13.68 24.90
N PRO B 169 -20.14 14.75 24.76
CA PRO B 169 -19.60 15.98 24.18
C PRO B 169 -18.60 16.64 25.11
N PRO B 170 -17.72 17.49 24.59
CA PRO B 170 -16.70 18.11 25.44
C PRO B 170 -17.32 19.00 26.50
N MET B 171 -16.62 19.11 27.64
CA MET B 171 -17.05 19.95 28.75
C MET B 171 -18.47 19.60 29.21
N GLY B 172 -18.73 18.31 29.40
CA GLY B 172 -20.07 17.89 29.75
C GLY B 172 -20.10 16.56 30.48
N GLU B 173 -21.31 16.17 30.85
CA GLU B 173 -21.57 14.92 31.55
C GLU B 173 -22.72 14.18 30.88
N SER B 174 -22.57 12.87 30.76
CA SER B 174 -23.59 12.01 30.19
C SER B 174 -23.91 10.88 31.17
N THR B 175 -25.18 10.51 31.22
CA THR B 175 -25.67 9.53 32.19
C THR B 175 -26.00 8.22 31.49
N VAL B 176 -25.58 7.11 32.08
CA VAL B 176 -25.89 5.77 31.59
C VAL B 176 -26.45 4.95 32.73
N LYS B 177 -27.24 3.94 32.40
CA LYS B 177 -27.84 3.10 33.42
C LYS B 177 -26.79 2.20 34.07
N LEU B 178 -27.07 1.80 35.31
CA LEU B 178 -26.13 1.00 36.07
C LEU B 178 -26.85 -0.05 36.91
N PRO B 179 -26.66 -1.34 36.62
CA PRO B 179 -27.27 -2.38 37.47
C PRO B 179 -26.64 -2.39 38.85
N SER B 180 -27.43 -2.85 39.83
CA SER B 180 -26.96 -2.88 41.21
C SER B 180 -25.86 -3.92 41.41
N ASP B 181 -25.84 -4.97 40.60
CA ASP B 181 -24.88 -6.04 40.73
C ASP B 181 -23.59 -5.79 39.95
N ALA B 182 -23.45 -4.62 39.34
CA ALA B 182 -22.23 -4.30 38.61
C ALA B 182 -21.03 -4.20 39.56
N GLY B 183 -19.86 -4.59 39.05
CA GLY B 183 -18.67 -4.62 39.86
C GLY B 183 -18.16 -3.24 40.22
N SER B 184 -17.30 -3.21 41.24
CA SER B 184 -16.73 -1.95 41.72
C SER B 184 -15.79 -1.35 40.69
N ASN B 185 -14.87 -2.16 40.15
CA ASN B 185 -13.93 -1.66 39.16
C ASN B 185 -14.61 -1.48 37.82
N ILE B 186 -14.28 -0.38 37.15
CA ILE B 186 -14.86 -0.04 35.85
C ILE B 186 -13.73 0.10 34.85
N THR B 187 -13.92 -0.51 33.67
CA THR B 187 -12.95 -0.44 32.59
C THR B 187 -13.60 0.12 31.35
N TYR B 188 -12.86 0.90 30.57
CA TYR B 188 -13.39 1.53 29.38
C TYR B 188 -12.32 1.67 28.32
N ARG B 189 -12.76 1.83 27.07
CA ARG B 189 -11.89 2.01 25.93
C ARG B 189 -12.38 3.19 25.09
N THR B 190 -11.44 3.83 24.41
CA THR B 190 -11.72 5.02 23.63
C THR B 190 -11.32 4.78 22.18
N ILE B 191 -12.04 5.39 21.26
CA ILE B 191 -11.78 5.28 19.82
C ILE B 191 -11.06 6.53 19.36
N ASN B 192 -9.95 6.36 18.64
CA ASN B 192 -9.15 7.48 18.17
C ASN B 192 -9.71 7.98 16.83
N ASP B 193 -8.95 8.84 16.16
CA ASP B 193 -9.38 9.37 14.88
C ASP B 193 -9.32 8.33 13.76
N TYR B 194 -8.58 7.25 13.96
CA TYR B 194 -8.43 6.22 12.94
C TYR B 194 -9.45 5.10 13.07
N GLY B 195 -10.28 5.11 14.10
CA GLY B 195 -11.29 4.09 14.27
C GLY B 195 -10.80 2.81 14.93
N ALA B 196 -9.83 2.91 15.82
CA ALA B 196 -9.28 1.75 16.51
C ALA B 196 -9.46 1.92 18.02
N LEU B 197 -9.69 0.81 18.71
CA LEU B 197 -9.91 0.86 20.14
C LEU B 197 -8.60 1.05 20.89
N THR B 198 -8.58 2.05 21.78
CA THR B 198 -7.48 2.25 22.70
C THR B 198 -7.45 1.10 23.71
N PRO B 199 -6.26 0.71 24.17
CA PRO B 199 -6.19 -0.34 25.20
C PRO B 199 -6.98 0.03 26.44
N LYS B 200 -7.51 -1.01 27.09
CA LYS B 200 -8.39 -0.84 28.24
C LYS B 200 -7.77 0.05 29.31
N MET B 201 -8.58 0.93 29.87
CA MET B 201 -8.14 1.82 30.94
C MET B 201 -9.17 1.82 32.06
N THR B 202 -8.68 1.86 33.30
CA THR B 202 -9.55 1.86 34.46
C THR B 202 -10.19 3.22 34.67
N GLY B 203 -11.31 3.24 35.38
CA GLY B 203 -12.02 4.46 35.66
C GLY B 203 -11.53 5.16 36.92
N VAL B 204 -11.19 6.44 36.79
CA VAL B 204 -10.65 7.22 37.90
C VAL B 204 -11.82 7.86 38.63
N MET B 205 -12.31 7.19 39.66
CA MET B 205 -13.41 7.72 40.45
C MET B 205 -12.97 8.95 41.23
N GLU B 206 -13.86 9.93 41.35
CA GLU B 206 -13.57 11.14 42.10
C GLU B 206 -14.25 11.12 43.46
N THR C 7 32.61 -3.05 2.53
CA THR C 7 31.71 -3.32 3.63
C THR C 7 31.72 -2.18 4.65
N LEU C 8 30.80 -1.24 4.49
CA LEU C 8 30.69 -0.11 5.39
C LEU C 8 29.24 0.08 5.79
N PRO C 9 28.97 0.61 6.98
CA PRO C 9 27.58 0.87 7.37
C PRO C 9 26.93 1.89 6.44
N GLY C 10 25.63 1.70 6.19
CA GLY C 10 24.91 2.58 5.31
C GLY C 10 24.16 3.69 6.03
N GLY C 11 23.40 3.32 7.05
CA GLY C 11 22.63 4.27 7.82
C GLY C 11 21.26 3.71 8.14
N ASN C 12 20.40 4.56 8.69
CA ASN C 12 19.04 4.19 9.04
C ASN C 12 18.08 4.67 7.97
N MET C 13 17.01 3.90 7.75
CA MET C 13 15.99 4.24 6.78
C MET C 13 14.64 4.03 7.46
N GLN C 14 13.86 5.10 7.59
CA GLN C 14 12.59 5.07 8.28
C GLN C 14 11.44 5.03 7.29
N PHE C 15 10.42 4.25 7.62
CA PHE C 15 9.19 4.13 6.85
C PHE C 15 8.05 4.68 7.71
N GLN C 16 7.32 5.65 7.18
CA GLN C 16 6.24 6.28 7.93
C GLN C 16 4.94 6.24 7.13
N GLY C 17 3.85 5.94 7.83
CA GLY C 17 2.55 5.95 7.19
C GLY C 17 1.45 5.85 8.23
N VAL C 18 0.21 5.85 7.74
CA VAL C 18 -0.95 5.72 8.62
C VAL C 18 -1.92 4.71 8.01
N ILE C 19 -2.70 4.07 8.87
CA ILE C 19 -3.70 3.09 8.47
C ILE C 19 -5.06 3.55 8.99
N ILE C 20 -6.07 3.51 8.12
CA ILE C 20 -7.41 3.95 8.45
C ILE C 20 -8.39 2.82 8.20
N ALA C 21 -9.48 2.82 8.98
CA ALA C 21 -10.51 1.80 8.84
C ALA C 21 -11.41 2.14 7.66
N GLU C 22 -12.49 1.38 7.50
CA GLU C 22 -13.47 1.67 6.45
C GLU C 22 -14.82 1.12 6.88
N THR C 23 -15.87 1.67 6.28
CA THR C 23 -17.22 1.26 6.61
C THR C 23 -17.53 -0.10 5.99
N CYS C 24 -18.45 -0.82 6.62
CA CYS C 24 -18.88 -2.11 6.10
C CYS C 24 -19.70 -1.91 4.83
N ARG C 25 -19.33 -2.62 3.77
CA ARG C 25 -20.08 -2.55 2.52
C ARG C 25 -21.36 -3.38 2.65
N ILE C 26 -22.42 -2.90 2.02
CA ILE C 26 -23.73 -3.54 2.10
C ILE C 26 -24.00 -4.29 0.80
N GLU C 27 -24.32 -5.57 0.91
CA GLU C 27 -24.57 -6.45 -0.23
C GLU C 27 -25.86 -7.21 0.04
N ALA C 28 -26.98 -6.66 -0.43
CA ALA C 28 -28.25 -7.36 -0.31
C ALA C 28 -28.24 -8.61 -1.16
N GLY C 29 -28.99 -9.63 -0.71
CA GLY C 29 -28.99 -10.90 -1.41
C GLY C 29 -29.56 -10.82 -2.80
N ASP C 30 -30.68 -10.13 -2.95
CA ASP C 30 -31.32 -10.01 -4.25
C ASP C 30 -30.52 -9.10 -5.17
N LYS C 31 -30.67 -9.32 -6.48
CA LYS C 31 -29.94 -8.54 -7.46
C LYS C 31 -30.42 -7.09 -7.46
N GLN C 32 -29.45 -6.16 -7.49
CA GLN C 32 -29.73 -4.73 -7.54
C GLN C 32 -30.57 -4.27 -6.35
N MET C 33 -30.50 -5.02 -5.24
CA MET C 33 -31.23 -4.68 -4.01
C MET C 33 -32.71 -4.49 -4.28
N THR C 34 -33.31 -5.41 -5.04
CA THR C 34 -34.70 -5.33 -5.45
C THR C 34 -35.40 -6.60 -4.99
N VAL C 35 -36.06 -6.52 -3.82
CA VAL C 35 -36.71 -7.69 -3.22
C VAL C 35 -38.09 -7.83 -3.86
N ASN C 36 -38.26 -8.85 -4.70
CA ASN C 36 -39.56 -9.12 -5.29
C ASN C 36 -40.50 -9.69 -4.24
N MET C 37 -41.72 -9.16 -4.18
CA MET C 37 -42.70 -9.56 -3.18
C MET C 37 -43.79 -10.46 -3.74
N GLY C 38 -44.45 -10.02 -4.81
CA GLY C 38 -45.51 -10.78 -5.44
C GLY C 38 -46.80 -9.99 -5.53
N GLN C 39 -47.73 -10.55 -6.30
CA GLN C 39 -49.02 -9.92 -6.51
C GLN C 39 -49.95 -10.21 -5.33
N ILE C 40 -51.04 -9.46 -5.27
CA ILE C 40 -52.04 -9.59 -4.21
C ILE C 40 -53.40 -9.84 -4.85
N SER C 41 -54.16 -10.76 -4.27
CA SER C 41 -55.48 -11.10 -4.78
C SER C 41 -56.46 -9.94 -4.59
N ASP C 51 -51.39 -12.05 8.16
CA ASP C 51 -50.76 -11.35 7.04
C ASP C 51 -50.64 -12.26 5.83
N SER C 52 -49.70 -11.94 4.95
CA SER C 52 -49.49 -12.69 3.72
C SER C 52 -48.29 -13.62 3.86
N ALA C 53 -47.90 -14.26 2.76
CA ALA C 53 -46.77 -15.16 2.78
C ALA C 53 -45.48 -14.37 3.02
N PRO C 54 -44.60 -14.85 3.89
CA PRO C 54 -43.35 -14.13 4.17
C PRO C 54 -42.46 -14.03 2.94
N VAL C 55 -41.76 -12.92 2.83
CA VAL C 55 -40.75 -12.72 1.80
C VAL C 55 -39.44 -12.37 2.49
N PRO C 56 -38.47 -13.28 2.47
CA PRO C 56 -37.19 -13.02 3.15
C PRO C 56 -36.19 -12.29 2.28
N PHE C 57 -35.44 -11.40 2.91
CA PHE C 57 -34.30 -10.78 2.25
C PHE C 57 -33.13 -10.70 3.22
N VAL C 58 -31.94 -10.91 2.68
CA VAL C 58 -30.72 -11.03 3.45
C VAL C 58 -29.82 -9.85 3.13
N ILE C 59 -29.05 -9.42 4.13
CA ILE C 59 -28.07 -8.36 4.00
C ILE C 59 -26.74 -8.87 4.56
N HIS C 60 -25.66 -8.61 3.83
CA HIS C 60 -24.34 -9.08 4.20
C HIS C 60 -23.41 -7.90 4.39
N LEU C 61 -22.87 -7.75 5.60
CA LEU C 61 -21.86 -6.73 5.87
C LEU C 61 -20.49 -7.34 5.59
N ARG C 62 -19.86 -6.93 4.50
CA ARG C 62 -18.64 -7.55 4.01
C ARG C 62 -17.49 -6.55 4.03
N GLU C 63 -16.27 -7.09 4.09
CA GLU C 63 -15.04 -6.31 3.96
C GLU C 63 -14.91 -5.26 5.05
N CYS C 64 -15.02 -5.72 6.31
CA CYS C 64 -14.80 -4.84 7.45
C CYS C 64 -14.51 -5.68 8.67
N SER C 65 -13.77 -5.10 9.61
CA SER C 65 -13.41 -5.80 10.83
C SER C 65 -14.63 -6.01 11.71
N THR C 66 -14.54 -6.99 12.61
CA THR C 66 -15.68 -7.34 13.45
C THR C 66 -16.00 -6.24 14.44
N VAL C 67 -14.99 -5.53 14.95
CA VAL C 67 -15.23 -4.47 15.92
C VAL C 67 -16.03 -3.34 15.29
N VAL C 68 -15.63 -2.91 14.09
CA VAL C 68 -16.36 -1.85 13.39
C VAL C 68 -17.77 -2.32 13.06
N SER C 69 -17.89 -3.56 12.59
CA SER C 69 -19.21 -4.09 12.23
C SER C 69 -20.11 -4.21 13.45
N GLU C 70 -19.55 -4.58 14.60
CA GLU C 70 -20.36 -4.74 15.80
C GLU C 70 -20.98 -3.42 16.24
N ARG C 71 -20.21 -2.34 16.17
CA ARG C 71 -20.68 -1.02 16.59
C ARG C 71 -21.39 -0.29 15.46
N VAL C 72 -22.40 -0.93 14.89
CA VAL C 72 -23.17 -0.37 13.79
C VAL C 72 -24.63 -0.29 14.22
N GLY C 73 -25.21 0.90 14.13
CA GLY C 73 -26.61 1.09 14.45
C GLY C 73 -27.49 1.01 13.21
N VAL C 74 -28.37 0.02 13.18
CA VAL C 74 -29.22 -0.26 12.03
C VAL C 74 -30.62 0.25 12.32
N ALA C 75 -31.21 0.96 11.36
CA ALA C 75 -32.56 1.47 11.54
C ALA C 75 -33.29 1.50 10.21
N PHE C 76 -34.62 1.48 10.28
CA PHE C 76 -35.50 1.61 9.13
C PHE C 76 -36.23 2.94 9.19
N HIS C 77 -36.33 3.63 8.05
CA HIS C 77 -37.23 4.76 7.96
C HIS C 77 -37.59 5.00 6.51
N GLY C 78 -38.78 5.53 6.27
CA GLY C 78 -39.22 5.76 4.91
C GLY C 78 -40.59 6.38 4.88
N VAL C 79 -41.28 6.19 3.76
CA VAL C 79 -42.61 6.75 3.56
C VAL C 79 -43.57 6.01 4.50
N ALA C 80 -44.29 6.76 5.32
CA ALA C 80 -45.24 6.18 6.26
C ALA C 80 -46.65 6.19 5.69
N ASP C 81 -47.38 5.11 5.93
CA ASP C 81 -48.76 5.01 5.47
C ASP C 81 -49.65 5.95 6.26
N GLY C 82 -50.69 6.46 5.60
CA GLY C 82 -51.62 7.36 6.26
C GLY C 82 -52.41 6.68 7.36
N LYS C 83 -52.85 5.45 7.10
CA LYS C 83 -53.63 4.72 8.11
C LYS C 83 -52.79 4.42 9.34
N ASN C 84 -51.55 3.99 9.15
CA ASN C 84 -50.64 3.68 10.26
C ASN C 84 -49.26 4.21 9.89
N PRO C 85 -48.71 5.16 10.66
CA PRO C 85 -47.37 5.68 10.34
C PRO C 85 -46.25 4.67 10.53
N ASP C 86 -46.52 3.52 11.15
CA ASP C 86 -45.49 2.52 11.40
C ASP C 86 -45.38 1.48 10.30
N VAL C 87 -46.13 1.60 9.22
CA VAL C 87 -46.08 0.67 8.10
C VAL C 87 -45.81 1.45 6.82
N LEU C 88 -44.95 0.90 5.97
CA LEU C 88 -44.60 1.57 4.72
C LEU C 88 -45.82 1.62 3.79
N SER C 89 -46.02 2.77 3.16
CA SER C 89 -47.11 2.93 2.22
C SER C 89 -46.83 2.18 0.92
N VAL C 90 -47.90 1.69 0.30
CA VAL C 90 -47.78 0.97 -0.97
C VAL C 90 -47.92 1.94 -2.13
N THR C 98 -54.80 -1.78 -2.63
CA THR C 98 -55.07 -0.57 -1.87
C THR C 98 -55.35 -0.89 -0.40
N ASN C 99 -55.21 0.14 0.45
CA ASN C 99 -55.44 0.00 1.89
C ASN C 99 -54.59 -1.11 2.49
N ILE C 100 -53.34 -1.21 2.02
CA ILE C 100 -52.40 -2.22 2.49
C ILE C 100 -51.05 -1.56 2.73
N GLY C 101 -50.13 -2.32 3.32
CA GLY C 101 -48.79 -1.84 3.58
C GLY C 101 -47.83 -2.99 3.71
N VAL C 102 -46.55 -2.66 3.85
CA VAL C 102 -45.49 -3.64 3.97
C VAL C 102 -44.96 -3.61 5.41
N ALA C 103 -45.04 -4.74 6.10
CA ALA C 103 -44.57 -4.87 7.47
C ALA C 103 -43.26 -5.65 7.46
N LEU C 104 -42.28 -5.14 8.21
CA LEU C 104 -40.95 -5.74 8.29
C LEU C 104 -40.73 -6.34 9.67
N PHE C 105 -40.33 -7.61 9.70
CA PHE C 105 -40.04 -8.31 10.94
C PHE C 105 -38.61 -8.83 10.92
N ASP C 106 -38.02 -8.93 12.11
CA ASP C 106 -36.69 -9.47 12.27
C ASP C 106 -36.75 -10.99 12.22
N ASP C 107 -35.59 -11.63 12.45
CA ASP C 107 -35.56 -13.09 12.52
C ASP C 107 -36.38 -13.62 13.69
N GLU C 108 -36.40 -12.89 14.81
CA GLU C 108 -37.16 -13.30 15.97
C GLU C 108 -38.66 -13.17 15.76
N GLY C 109 -39.09 -12.44 14.74
CA GLY C 109 -40.50 -12.29 14.43
C GLY C 109 -41.18 -11.09 15.04
N ASN C 110 -40.55 -10.42 16.00
CA ASN C 110 -41.14 -9.24 16.60
C ASN C 110 -41.17 -8.09 15.60
N LEU C 111 -42.24 -7.30 15.64
CA LEU C 111 -42.38 -6.19 14.71
C LEU C 111 -41.33 -5.13 15.01
N VAL C 112 -40.68 -4.65 13.95
CA VAL C 112 -39.71 -3.55 14.06
C VAL C 112 -40.35 -2.30 13.46
N PRO C 113 -40.82 -1.38 14.29
CA PRO C 113 -41.50 -0.20 13.74
C PRO C 113 -40.55 0.65 12.91
N ILE C 114 -41.09 1.26 11.86
CA ILE C 114 -40.31 2.18 11.04
C ILE C 114 -40.23 3.53 11.74
N ASN C 115 -39.21 4.31 11.38
CA ASN C 115 -38.93 5.61 11.98
C ASN C 115 -38.73 5.48 13.49
N ARG C 116 -37.70 4.74 13.87
CA ARG C 116 -37.38 4.47 15.26
C ARG C 116 -35.90 4.70 15.47
N PRO C 117 -35.49 5.03 16.70
CA PRO C 117 -34.07 5.24 16.99
C PRO C 117 -33.28 3.95 16.85
N PRO C 118 -31.99 4.03 16.55
CA PRO C 118 -31.20 2.81 16.37
C PRO C 118 -31.15 1.96 17.64
N ALA C 119 -31.12 0.65 17.43
CA ALA C 119 -30.97 -0.31 18.53
C ALA C 119 -30.14 -1.46 17.98
N ASN C 120 -28.91 -1.60 18.49
CA ASN C 120 -27.94 -2.53 17.94
C ASN C 120 -28.48 -3.95 17.91
N TRP C 121 -28.38 -4.60 16.75
CA TRP C 121 -28.80 -5.98 16.60
C TRP C 121 -27.60 -6.88 16.30
N SER C 128 -24.63 -11.61 13.20
CA SER C 128 -23.37 -10.88 13.19
C SER C 128 -23.20 -10.10 11.90
N THR C 129 -22.46 -10.68 10.95
CA THR C 129 -22.25 -10.05 9.66
C THR C 129 -23.36 -10.35 8.66
N SER C 130 -24.35 -11.14 9.04
CA SER C 130 -25.48 -11.48 8.17
C SER C 130 -26.78 -11.12 8.86
N LEU C 131 -27.53 -10.20 8.26
CA LEU C 131 -28.83 -9.79 8.76
C LEU C 131 -29.93 -10.40 7.90
N HIS C 132 -31.04 -10.75 8.54
CA HIS C 132 -32.14 -11.44 7.88
C HIS C 132 -33.42 -10.71 8.22
N PHE C 133 -34.26 -10.43 7.23
CA PHE C 133 -35.51 -9.71 7.49
C PHE C 133 -36.63 -10.30 6.64
N ILE C 134 -37.86 -10.10 7.12
CA ILE C 134 -39.05 -10.66 6.51
C ILE C 134 -40.01 -9.52 6.18
N ALA C 135 -40.57 -9.55 4.97
CA ALA C 135 -41.58 -8.60 4.55
C ALA C 135 -42.90 -9.34 4.38
N LYS C 136 -43.97 -8.71 4.86
CA LYS C 136 -45.31 -9.28 4.74
C LYS C 136 -46.31 -8.20 4.35
N TYR C 137 -47.32 -8.59 3.59
CA TYR C 137 -48.40 -7.66 3.25
C TYR C 137 -49.35 -7.50 4.44
N ARG C 138 -49.93 -6.31 4.56
CA ARG C 138 -50.90 -6.04 5.62
C ARG C 138 -51.91 -4.99 5.18
N ASN C 150 -45.48 -1.04 -4.56
CA ASN C 150 -44.05 -0.93 -4.37
C ASN C 150 -43.70 0.24 -3.45
N ALA C 151 -42.53 0.18 -2.85
CA ALA C 151 -42.09 1.21 -1.90
C ALA C 151 -40.58 1.18 -1.80
N GLN C 152 -40.04 2.21 -1.16
CA GLN C 152 -38.61 2.30 -0.85
C GLN C 152 -38.43 2.52 0.64
N ALA C 153 -37.38 1.91 1.19
CA ALA C 153 -37.13 1.95 2.62
C ALA C 153 -35.69 2.36 2.88
N TRP C 154 -35.50 3.60 3.35
CA TRP C 154 -34.20 4.09 3.77
C TRP C 154 -33.67 3.20 4.89
N PHE C 155 -32.59 2.50 4.60
CA PHE C 155 -31.96 1.57 5.54
C PHE C 155 -30.69 2.22 6.07
N SER C 156 -30.76 2.76 7.30
CA SER C 156 -29.72 3.62 7.82
C SER C 156 -28.76 2.84 8.71
N LEU C 157 -27.45 3.04 8.49
CA LEU C 157 -26.39 2.41 9.27
C LEU C 157 -25.50 3.52 9.82
N THR C 158 -25.70 3.86 11.09
CA THR C 158 -24.81 4.82 11.74
C THR C 158 -23.58 4.10 12.28
N TYR C 159 -22.42 4.74 12.11
CA TYR C 159 -21.14 4.19 12.54
C TYR C 159 -20.68 4.98 13.76
N GLN C 160 -20.66 4.34 14.91
CA GLN C 160 -20.26 4.99 16.15
C GLN C 160 -18.78 5.33 16.11
N SER D 121 -14.52 -23.63 -12.96
CA SER D 121 -13.14 -23.27 -12.68
C SER D 121 -13.07 -21.99 -11.87
N ASN D 122 -12.73 -22.11 -10.59
CA ASN D 122 -12.64 -20.94 -9.72
C ASN D 122 -11.41 -20.11 -10.07
N ARG D 123 -11.61 -18.81 -10.26
CA ARG D 123 -10.51 -17.93 -10.57
C ARG D 123 -9.67 -17.64 -9.33
N ALA D 124 -8.36 -17.52 -9.51
CA ALA D 124 -7.47 -17.24 -8.40
C ALA D 124 -7.78 -15.87 -7.80
N ARG D 125 -7.61 -15.76 -6.48
CA ARG D 125 -7.88 -14.52 -5.79
C ARG D 125 -6.94 -13.42 -6.26
N GLY D 126 -7.50 -12.41 -6.93
CA GLY D 126 -6.71 -11.34 -7.50
C GLY D 126 -6.36 -11.52 -8.97
N TYR D 127 -7.22 -12.17 -9.74
CA TYR D 127 -6.94 -12.43 -11.15
C TYR D 127 -7.62 -11.39 -12.03
N ILE D 128 -6.87 -10.87 -12.99
CA ILE D 128 -7.37 -9.92 -13.97
C ILE D 128 -7.19 -10.54 -15.35
N PRO D 129 -8.22 -10.58 -16.20
CA PRO D 129 -8.04 -11.11 -17.55
C PRO D 129 -7.01 -10.29 -18.31
N PRO D 130 -6.19 -10.94 -19.14
CA PRO D 130 -5.12 -10.21 -19.83
C PRO D 130 -5.62 -9.14 -20.78
N GLU D 131 -6.87 -9.22 -21.23
CA GLU D 131 -7.40 -8.21 -22.14
C GLU D 131 -7.54 -6.85 -21.48
N LEU D 132 -7.47 -6.77 -20.16
CA LEU D 132 -7.58 -5.52 -19.43
C LEU D 132 -6.24 -4.84 -19.20
N TRP D 133 -5.14 -5.42 -19.67
CA TRP D 133 -3.83 -4.83 -19.52
C TRP D 133 -3.55 -3.87 -20.66
N ASP D 134 -3.07 -2.67 -20.32
CA ASP D 134 -2.81 -1.63 -21.31
C ASP D 134 -1.39 -1.76 -21.81
N PRO D 135 -1.19 -2.02 -23.11
CA PRO D 135 0.19 -2.11 -23.62
C PRO D 135 0.98 -0.83 -23.44
N GLY D 136 0.33 0.33 -23.54
CA GLY D 136 1.00 1.61 -23.41
C GLY D 136 0.64 2.52 -24.55
N ILE D 137 1.46 3.55 -24.73
CA ILE D 137 1.27 4.53 -25.79
C ILE D 137 2.59 4.73 -26.53
N ASN D 138 2.50 5.25 -27.74
CA ASN D 138 3.68 5.55 -28.54
C ASN D 138 4.31 6.82 -27.99
N ALA D 139 5.44 6.66 -27.29
CA ALA D 139 6.09 7.77 -26.63
C ALA D 139 7.60 7.60 -26.60
N GLY D 140 8.31 8.72 -26.63
CA GLY D 140 9.74 8.72 -26.40
C GLY D 140 10.04 9.04 -24.95
N LEU D 141 11.01 8.33 -24.39
CA LEU D 141 11.33 8.43 -22.98
C LEU D 141 12.80 8.83 -22.81
N LEU D 142 13.05 9.72 -21.85
CA LEU D 142 14.41 10.16 -21.57
C LEU D 142 14.57 10.31 -20.06
N ASN D 143 15.69 9.82 -19.55
CA ASN D 143 15.98 9.84 -18.11
C ASN D 143 17.41 10.37 -17.94
N TYR D 144 17.53 11.63 -17.53
CA TYR D 144 18.83 12.25 -17.35
C TYR D 144 19.19 12.35 -15.88
N ASN D 145 20.47 12.12 -15.59
CA ASN D 145 20.97 12.21 -14.22
C ASN D 145 22.37 12.82 -14.28
N PHE D 146 22.48 14.08 -13.87
CA PHE D 146 23.74 14.81 -13.87
C PHE D 146 24.22 15.02 -12.45
N SER D 147 25.53 14.87 -12.25
CA SER D 147 26.15 15.05 -10.95
C SER D 147 27.47 15.79 -11.10
N GLY D 148 27.68 16.77 -10.22
CA GLY D 148 28.93 17.52 -10.18
C GLY D 148 29.51 17.55 -8.79
N ASN D 149 30.72 17.04 -8.64
CA ASN D 149 31.42 16.95 -7.37
C ASN D 149 32.62 17.88 -7.41
N SER D 150 32.58 18.94 -6.61
CA SER D 150 33.70 19.87 -6.47
C SER D 150 34.34 19.61 -5.12
N VAL D 151 35.49 18.96 -5.13
CA VAL D 151 36.25 18.67 -3.92
C VAL D 151 37.48 19.57 -3.93
N GLN D 152 37.63 20.36 -2.88
CA GLN D 152 38.78 21.24 -2.74
C GLN D 152 39.61 20.73 -1.57
N ASN D 153 40.77 20.17 -1.87
CA ASN D 153 41.65 19.57 -0.88
C ASN D 153 42.74 20.57 -0.48
N ARG D 154 43.03 20.62 0.81
CA ARG D 154 44.01 21.56 1.33
C ARG D 154 45.43 21.16 0.91
N HIS D 160 37.35 18.54 -9.67
CA HIS D 160 35.97 18.61 -10.12
C HIS D 160 35.64 17.47 -11.07
N TYR D 161 34.63 16.67 -10.70
CA TYR D 161 34.20 15.53 -11.48
C TYR D 161 32.76 15.76 -11.92
N ALA D 162 32.49 15.57 -13.21
CA ALA D 162 31.15 15.71 -13.76
C ALA D 162 30.77 14.36 -14.38
N TYR D 163 29.72 13.75 -13.83
CA TYR D 163 29.19 12.50 -14.35
C TYR D 163 27.79 12.75 -14.90
N LEU D 164 27.45 12.07 -15.99
CA LEU D 164 26.13 12.22 -16.61
C LEU D 164 25.68 10.88 -17.14
N ASN D 165 24.55 10.39 -16.63
CA ASN D 165 23.97 9.13 -17.07
C ASN D 165 22.66 9.45 -17.80
N LEU D 166 22.54 8.98 -19.04
CA LEU D 166 21.40 9.31 -19.88
C LEU D 166 20.79 8.03 -20.41
N GLN D 167 19.51 7.82 -20.10
CA GLN D 167 18.77 6.67 -20.58
C GLN D 167 17.77 7.12 -21.64
N SER D 168 17.95 6.64 -22.86
CA SER D 168 17.04 6.95 -23.95
C SER D 168 16.13 5.75 -24.20
N GLY D 169 14.93 6.02 -24.70
CA GLY D 169 14.01 4.94 -24.96
C GLY D 169 12.87 5.29 -25.89
N LEU D 170 12.32 4.27 -26.55
CA LEU D 170 11.20 4.42 -27.46
C LEU D 170 10.20 3.31 -27.18
N ASN D 171 8.94 3.67 -26.91
CA ASN D 171 7.87 2.70 -26.74
C ASN D 171 7.00 2.72 -27.99
N ILE D 172 7.45 2.00 -29.01
CA ILE D 172 6.71 1.88 -30.26
C ILE D 172 5.96 0.56 -30.27
N GLY D 173 4.65 0.63 -30.49
CA GLY D 173 3.83 -0.56 -30.42
C GLY D 173 3.85 -1.13 -29.02
N ALA D 174 4.27 -2.39 -28.90
CA ALA D 174 4.42 -3.03 -27.60
C ALA D 174 5.87 -3.22 -27.19
N TRP D 175 6.81 -3.10 -28.12
CA TRP D 175 8.22 -3.26 -27.81
C TRP D 175 8.70 -2.12 -26.91
N ARG D 176 9.85 -2.32 -26.26
CA ARG D 176 10.45 -1.30 -25.43
C ARG D 176 11.93 -1.19 -25.79
N LEU D 177 12.27 -0.24 -26.65
CA LEU D 177 13.67 -0.03 -26.98
C LEU D 177 14.31 0.86 -25.92
N ARG D 178 15.39 0.38 -25.31
CA ARG D 178 16.10 1.11 -24.27
C ARG D 178 17.58 1.16 -24.60
N ASP D 179 18.20 2.29 -24.24
CA ASP D 179 19.62 2.52 -24.47
C ASP D 179 20.17 3.33 -23.30
N ASN D 180 21.42 3.05 -22.94
CA ASN D 180 22.07 3.72 -21.83
C ASN D 180 23.40 4.31 -22.27
N THR D 181 23.66 5.55 -21.88
CA THR D 181 24.84 6.29 -22.30
C THR D 181 25.45 7.00 -21.09
N THR D 182 26.77 7.13 -21.08
CA THR D 182 27.49 7.76 -19.99
C THR D 182 28.46 8.80 -20.56
N TRP D 183 28.52 9.96 -19.91
CA TRP D 183 29.42 11.03 -20.26
C TRP D 183 30.14 11.51 -19.00
N SER D 184 31.44 11.79 -19.13
CA SER D 184 32.25 12.18 -17.99
C SER D 184 33.14 13.36 -18.35
N TYR D 185 33.51 14.13 -17.34
CA TYR D 185 34.41 15.26 -17.54
C TYR D 185 35.17 15.56 -16.25
N ASN D 186 36.49 15.56 -16.34
CA ASN D 186 37.35 15.83 -15.19
C ASN D 186 37.95 17.23 -15.28
N SER D 187 38.27 17.79 -14.13
CA SER D 187 38.91 19.09 -14.06
C SER D 187 40.03 19.10 -13.03
N ASN D 196 35.69 14.60 -23.82
CA ASN D 196 34.34 14.06 -23.91
C ASN D 196 34.38 12.59 -24.33
N LYS D 197 33.71 11.73 -23.56
CA LYS D 197 33.70 10.30 -23.82
C LYS D 197 32.26 9.79 -23.68
N TRP D 198 31.56 9.70 -24.81
CA TRP D 198 30.21 9.15 -24.85
C TRP D 198 30.33 7.64 -24.96
N GLN D 199 29.98 6.92 -23.88
CA GLN D 199 30.15 5.47 -23.82
C GLN D 199 28.80 4.81 -23.67
N HIS D 200 28.49 3.86 -24.55
CA HIS D 200 27.25 3.10 -24.42
C HIS D 200 27.39 2.02 -23.34
N ILE D 201 26.24 1.60 -22.82
CA ILE D 201 26.23 0.55 -21.80
C ILE D 201 25.35 -0.61 -22.27
N ASN D 202 24.05 -0.35 -22.43
CA ASN D 202 23.11 -1.37 -22.82
C ASN D 202 22.19 -0.84 -23.91
N THR D 203 21.84 -1.72 -24.86
CA THR D 203 20.83 -1.44 -25.87
C THR D 203 19.98 -2.68 -26.03
N TRP D 204 18.73 -2.64 -25.55
CA TRP D 204 17.92 -3.84 -25.56
C TRP D 204 16.47 -3.53 -25.93
N LEU D 205 15.83 -4.51 -26.58
CA LEU D 205 14.42 -4.43 -26.97
C LEU D 205 13.67 -5.54 -26.24
N GLU D 206 12.96 -5.16 -25.18
CA GLU D 206 12.18 -6.14 -24.43
C GLU D 206 10.72 -6.10 -24.85
N ARG D 207 10.09 -7.27 -24.84
CA ARG D 207 8.70 -7.41 -25.25
C ARG D 207 8.01 -8.41 -24.33
N ASP D 208 6.70 -8.26 -24.21
CA ASP D 208 5.86 -9.14 -23.39
C ASP D 208 5.07 -10.05 -24.32
N ILE D 209 5.10 -11.35 -24.04
CA ILE D 209 4.35 -12.34 -24.80
C ILE D 209 3.34 -12.97 -23.86
N ILE D 210 2.09 -12.52 -23.95
CA ILE D 210 0.99 -13.05 -23.14
C ILE D 210 0.71 -14.51 -23.48
N PRO D 211 0.63 -14.92 -24.75
CA PRO D 211 0.36 -16.35 -25.02
C PRO D 211 1.37 -17.28 -24.38
N LEU D 212 2.64 -16.89 -24.34
CA LEU D 212 3.67 -17.69 -23.67
C LEU D 212 3.82 -17.33 -22.20
N ARG D 213 3.07 -16.32 -21.73
CA ARG D 213 3.14 -15.89 -20.33
C ARG D 213 4.56 -15.54 -19.92
N SER D 214 5.30 -14.88 -20.82
CA SER D 214 6.72 -14.70 -20.61
C SER D 214 7.15 -13.36 -21.19
N ARG D 215 8.45 -13.10 -21.10
CA ARG D 215 9.05 -11.91 -21.69
C ARG D 215 10.26 -12.29 -22.53
N LEU D 216 10.43 -11.57 -23.63
CA LEU D 216 11.51 -11.80 -24.57
C LEU D 216 12.45 -10.59 -24.54
N THR D 217 13.74 -10.83 -24.34
CA THR D 217 14.75 -9.79 -24.28
C THR D 217 15.77 -10.04 -25.39
N LEU D 218 15.91 -9.07 -26.29
CA LEU D 218 16.89 -9.12 -27.36
C LEU D 218 17.91 -8.02 -27.14
N GLY D 219 19.18 -8.39 -27.17
CA GLY D 219 20.27 -7.47 -26.90
C GLY D 219 21.00 -7.82 -25.62
N ASP D 220 21.61 -6.80 -25.04
CA ASP D 220 22.41 -6.98 -23.83
C ASP D 220 21.49 -7.16 -22.63
N GLY D 221 21.58 -8.32 -21.97
CA GLY D 221 20.79 -8.60 -20.80
C GLY D 221 21.60 -9.35 -19.76
N TYR D 222 20.90 -9.83 -18.73
CA TYR D 222 21.51 -10.59 -17.67
C TYR D 222 20.60 -11.75 -17.28
N THR D 223 21.20 -12.81 -16.75
CA THR D 223 20.48 -14.01 -16.33
C THR D 223 20.49 -14.10 -14.81
N GLN D 224 19.32 -14.34 -14.23
CA GLN D 224 19.22 -14.42 -12.78
C GLN D 224 20.08 -15.54 -12.21
N GLY D 225 20.02 -16.72 -12.82
CA GLY D 225 20.82 -17.84 -12.37
C GLY D 225 20.49 -18.30 -10.97
N ASP D 226 19.27 -18.81 -10.77
CA ASP D 226 18.93 -19.37 -9.47
C ASP D 226 19.76 -20.61 -9.16
N ILE D 227 19.95 -21.46 -10.15
CA ILE D 227 20.76 -22.67 -9.96
C ILE D 227 22.19 -22.48 -10.49
N PHE D 228 22.35 -21.77 -11.60
CA PHE D 228 23.66 -21.48 -12.16
C PHE D 228 24.17 -20.16 -11.61
N ASP D 229 25.24 -19.65 -12.21
CA ASP D 229 25.81 -18.36 -11.82
C ASP D 229 25.21 -17.25 -12.66
N GLY D 230 24.85 -16.16 -12.00
CA GLY D 230 24.33 -15.00 -12.71
C GLY D 230 25.38 -14.43 -13.64
N ILE D 231 25.02 -14.24 -14.92
CA ILE D 231 25.96 -13.79 -15.94
C ILE D 231 25.28 -12.76 -16.82
N ASN D 232 26.05 -11.75 -17.24
CA ASN D 232 25.62 -10.82 -18.26
C ASN D 232 25.97 -11.36 -19.64
N PHE D 233 25.19 -10.95 -20.64
CA PHE D 233 25.36 -11.47 -21.99
C PHE D 233 24.70 -10.50 -22.96
N ARG D 234 24.73 -10.88 -24.25
CA ARG D 234 24.06 -10.13 -25.30
C ARG D 234 23.45 -11.13 -26.26
N GLY D 235 22.13 -11.27 -26.20
CA GLY D 235 21.44 -12.23 -27.05
C GLY D 235 19.96 -12.35 -26.74
N ALA D 236 19.37 -13.48 -27.09
CA ALA D 236 17.93 -13.69 -26.94
C ALA D 236 17.66 -14.47 -25.66
N GLN D 237 16.85 -13.89 -24.78
CA GLN D 237 16.48 -14.53 -23.53
C GLN D 237 14.96 -14.56 -23.43
N LEU D 238 14.39 -15.76 -23.40
CA LEU D 238 12.96 -15.96 -23.21
C LEU D 238 12.76 -16.48 -21.79
N ALA D 239 12.10 -15.69 -20.95
CA ALA D 239 12.00 -16.03 -19.53
C ALA D 239 10.56 -15.92 -19.06
N SER D 240 10.13 -16.91 -18.30
CA SER D 240 8.84 -16.81 -17.62
C SER D 240 8.92 -15.76 -16.51
N ASP D 241 7.78 -15.16 -16.21
CA ASP D 241 7.70 -14.09 -15.23
C ASP D 241 6.73 -14.49 -14.13
N ASP D 242 7.12 -14.24 -12.87
CA ASP D 242 6.25 -14.53 -11.74
C ASP D 242 5.25 -13.41 -11.47
N ASN D 243 5.60 -12.17 -11.84
CA ASN D 243 4.73 -11.05 -11.54
C ASN D 243 3.43 -11.10 -12.35
N MET D 244 3.47 -11.67 -13.56
CA MET D 244 2.27 -11.75 -14.38
C MET D 244 1.18 -12.59 -13.71
N LEU D 245 1.55 -13.54 -12.87
CA LEU D 245 0.56 -14.30 -12.13
C LEU D 245 -0.05 -13.44 -11.03
N PRO D 246 -1.27 -13.75 -10.61
CA PRO D 246 -1.87 -13.03 -9.47
C PRO D 246 -1.07 -13.30 -8.20
N ASP D 247 -1.17 -12.35 -7.26
CA ASP D 247 -0.41 -12.46 -6.02
C ASP D 247 -0.72 -13.72 -5.24
N SER D 248 -1.89 -14.32 -5.46
CA SER D 248 -2.22 -15.57 -4.78
C SER D 248 -1.28 -16.68 -5.19
N GLN D 249 -0.98 -16.79 -6.48
CA GLN D 249 -0.15 -17.88 -7.00
C GLN D 249 1.32 -17.45 -7.10
N ARG D 250 1.89 -17.09 -5.96
CA ARG D 250 3.30 -16.76 -5.87
C ARG D 250 3.89 -17.43 -4.63
N GLY D 251 5.19 -17.71 -4.69
CA GLY D 251 5.81 -18.42 -3.58
C GLY D 251 5.35 -19.86 -3.52
N PHE D 252 5.45 -20.44 -2.32
CA PHE D 252 5.02 -21.81 -2.07
C PHE D 252 3.91 -21.81 -1.04
N ALA D 253 2.83 -22.52 -1.36
CA ALA D 253 1.75 -22.79 -0.43
C ALA D 253 1.02 -24.05 -0.88
N PRO D 254 1.00 -25.10 -0.07
CA PRO D 254 0.38 -26.36 -0.52
C PRO D 254 -1.09 -26.17 -0.84
N VAL D 255 -1.53 -26.86 -1.89
CA VAL D 255 -2.91 -26.77 -2.34
C VAL D 255 -3.72 -27.87 -1.67
N ILE D 256 -4.93 -27.53 -1.26
CA ILE D 256 -5.78 -28.46 -0.52
C ILE D 256 -6.65 -29.23 -1.51
N HIS D 257 -6.52 -30.55 -1.50
CA HIS D 257 -7.36 -31.44 -2.28
C HIS D 257 -8.41 -32.08 -1.38
N GLY D 258 -9.14 -33.03 -1.92
CA GLY D 258 -10.12 -33.79 -1.17
C GLY D 258 -11.55 -33.44 -1.57
N ILE D 259 -12.47 -34.23 -1.02
CA ILE D 259 -13.89 -34.10 -1.29
C ILE D 259 -14.61 -33.81 0.01
N ALA D 260 -15.49 -32.81 0.00
CA ALA D 260 -16.30 -32.45 1.14
C ALA D 260 -17.72 -32.95 0.91
N ARG D 261 -18.23 -33.73 1.85
CA ARG D 261 -19.56 -34.31 1.71
C ARG D 261 -20.62 -33.25 1.97
N GLY D 262 -21.52 -33.06 1.01
CA GLY D 262 -22.58 -32.08 1.14
C GLY D 262 -22.07 -30.66 1.03
N THR D 263 -22.92 -29.73 1.43
CA THR D 263 -22.59 -28.30 1.43
C THR D 263 -21.75 -28.01 2.65
N ALA D 264 -20.43 -27.91 2.47
CA ALA D 264 -19.49 -27.70 3.55
C ALA D 264 -18.87 -26.32 3.44
N GLN D 265 -18.90 -25.57 4.55
CA GLN D 265 -18.22 -24.27 4.62
C GLN D 265 -16.79 -24.49 5.12
N VAL D 266 -15.95 -24.96 4.18
CA VAL D 266 -14.57 -25.27 4.53
C VAL D 266 -13.84 -24.01 4.98
N THR D 267 -13.08 -24.13 6.06
CA THR D 267 -12.37 -23.01 6.66
C THR D 267 -10.91 -23.37 6.85
N ILE D 268 -10.03 -22.47 6.41
CA ILE D 268 -8.59 -22.61 6.59
C ILE D 268 -8.13 -21.60 7.61
N LYS D 269 -7.47 -22.07 8.67
CA LYS D 269 -7.01 -21.18 9.72
C LYS D 269 -5.67 -20.53 9.36
N ASP D 274 -7.82 -16.83 9.40
CA ASP D 274 -8.74 -17.27 8.36
C ASP D 274 -8.27 -16.80 6.99
N ILE D 275 -7.30 -17.51 6.40
CA ILE D 275 -6.78 -17.14 5.09
C ILE D 275 -7.87 -17.28 4.03
N TYR D 276 -8.61 -18.38 4.07
CA TYR D 276 -9.69 -18.64 3.12
C TYR D 276 -10.94 -19.02 3.89
N ASN D 277 -12.10 -18.56 3.42
CA ASN D 277 -13.37 -18.86 4.07
C ASN D 277 -14.48 -18.78 3.01
N SER D 278 -14.93 -19.94 2.57
CA SER D 278 -16.03 -20.04 1.61
C SER D 278 -16.52 -21.48 1.58
N THR D 279 -17.64 -21.69 0.88
CA THR D 279 -18.20 -23.01 0.69
C THR D 279 -17.82 -23.54 -0.69
N VAL D 280 -18.26 -24.77 -0.98
CA VAL D 280 -17.94 -25.43 -2.24
C VAL D 280 -19.00 -26.48 -2.52
N PRO D 281 -19.43 -26.65 -3.78
CA PRO D 281 -20.40 -27.69 -4.10
C PRO D 281 -19.82 -29.07 -3.86
N PRO D 282 -20.67 -30.08 -3.63
CA PRO D 282 -20.16 -31.43 -3.38
C PRO D 282 -19.31 -31.95 -4.53
N GLY D 283 -18.28 -32.71 -4.19
CA GLY D 283 -17.33 -33.21 -5.15
C GLY D 283 -15.92 -32.80 -4.78
N PRO D 284 -14.94 -33.26 -5.56
CA PRO D 284 -13.56 -32.87 -5.29
C PRO D 284 -13.36 -31.37 -5.45
N PHE D 285 -12.61 -30.78 -4.53
CA PHE D 285 -12.31 -29.36 -4.55
C PHE D 285 -10.81 -29.15 -4.43
N THR D 286 -10.29 -28.22 -5.22
CA THR D 286 -8.86 -27.90 -5.23
C THR D 286 -8.73 -26.44 -4.79
N ILE D 287 -8.50 -26.22 -3.50
CA ILE D 287 -8.26 -24.88 -2.99
C ILE D 287 -6.79 -24.53 -3.24
N ASN D 288 -6.56 -23.46 -4.01
CA ASN D 288 -5.22 -23.06 -4.38
C ASN D 288 -4.99 -21.56 -4.18
N ASP D 289 -5.83 -20.90 -3.38
CA ASP D 289 -5.69 -19.48 -3.12
C ASP D 289 -4.90 -19.20 -1.84
N ILE D 290 -4.21 -20.20 -1.31
CA ILE D 290 -3.44 -20.02 -0.08
C ILE D 290 -2.29 -19.07 -0.36
N TYR D 291 -2.22 -17.99 0.39
CA TYR D 291 -1.21 -16.96 0.18
C TYR D 291 0.17 -17.45 0.61
N ALA D 292 1.21 -16.86 0.02
CA ALA D 292 2.58 -17.18 0.38
C ALA D 292 2.89 -16.61 1.76
N ALA D 293 3.05 -17.50 2.75
CA ALA D 293 3.25 -17.09 4.13
C ALA D 293 4.62 -17.50 4.67
N GLY D 294 5.52 -17.96 3.79
CA GLY D 294 6.85 -18.33 4.24
C GLY D 294 6.82 -19.51 5.19
N ASN D 295 7.63 -19.43 6.25
CA ASN D 295 7.69 -20.50 7.23
C ASN D 295 6.34 -20.66 7.95
N SER D 296 5.93 -19.63 8.70
CA SER D 296 4.67 -19.64 9.43
C SER D 296 4.50 -20.90 10.27
N GLY D 297 3.28 -21.43 10.33
CA GLY D 297 3.01 -22.60 11.13
C GLY D 297 2.22 -23.67 10.39
N ASP D 298 1.12 -24.12 10.98
CA ASP D 298 0.28 -25.16 10.42
C ASP D 298 -1.09 -24.59 10.07
N LEU D 299 -1.58 -24.93 8.89
CA LEU D 299 -2.91 -24.50 8.43
C LEU D 299 -3.92 -25.58 8.80
N GLN D 300 -4.85 -25.24 9.69
CA GLN D 300 -5.90 -26.18 10.07
C GLN D 300 -7.04 -26.07 9.05
N VAL D 301 -7.43 -27.20 8.46
CA VAL D 301 -8.51 -27.25 7.49
C VAL D 301 -9.69 -27.92 8.19
N THR D 302 -10.80 -27.18 8.29
CA THR D 302 -12.01 -27.67 8.94
C THR D 302 -13.11 -27.73 7.90
N ILE D 303 -13.62 -28.94 7.64
CA ILE D 303 -14.73 -29.13 6.73
C ILE D 303 -16.02 -29.28 7.53
N LYS D 304 -17.10 -28.72 7.00
CA LYS D 304 -18.37 -28.73 7.71
C LYS D 304 -19.52 -29.15 6.79
N THR D 310 -17.28 -34.01 9.42
CA THR D 310 -16.34 -32.93 9.68
C THR D 310 -14.93 -33.48 9.92
N GLN D 311 -14.32 -33.99 8.86
CA GLN D 311 -12.95 -34.49 8.94
C GLN D 311 -11.99 -33.33 9.10
N ILE D 312 -11.22 -33.34 10.18
CA ILE D 312 -10.28 -32.26 10.49
C ILE D 312 -8.88 -32.78 10.22
N PHE D 313 -8.20 -32.20 9.22
CA PHE D 313 -6.83 -32.54 8.91
C PHE D 313 -6.01 -31.26 8.76
N THR D 314 -4.81 -31.27 9.30
CA THR D 314 -3.90 -30.13 9.24
C THR D 314 -2.90 -30.32 8.10
N VAL D 315 -2.40 -29.21 7.59
CA VAL D 315 -1.44 -29.23 6.49
C VAL D 315 -0.21 -28.42 6.90
N PRO D 316 0.68 -28.97 7.72
CA PRO D 316 1.93 -28.26 8.02
C PRO D 316 2.81 -28.18 6.79
N TYR D 317 3.62 -27.12 6.73
CA TYR D 317 4.45 -26.90 5.56
C TYR D 317 5.62 -25.99 5.92
N SER D 318 6.71 -26.14 5.17
CA SER D 318 7.90 -25.32 5.29
C SER D 318 8.12 -24.57 3.97
N SER D 319 9.25 -23.88 3.88
CA SER D 319 9.52 -23.06 2.70
C SER D 319 11.00 -23.05 2.39
N VAL D 320 11.32 -23.27 1.11
CA VAL D 320 12.66 -23.09 0.57
C VAL D 320 12.52 -22.29 -0.72
N PRO D 321 13.38 -21.30 -0.98
CA PRO D 321 13.21 -20.46 -2.17
C PRO D 321 13.23 -21.24 -3.47
N LEU D 322 13.85 -22.41 -3.46
CA LEU D 322 13.95 -23.25 -4.65
C LEU D 322 12.70 -24.09 -4.90
N LEU D 323 11.72 -24.05 -4.00
CA LEU D 323 10.50 -24.83 -4.13
C LEU D 323 9.47 -24.10 -4.98
N GLN D 324 8.53 -24.86 -5.51
CA GLN D 324 7.45 -24.32 -6.33
C GLN D 324 6.14 -24.97 -5.95
N ARG D 325 5.04 -24.29 -6.28
CA ARG D 325 3.71 -24.83 -6.01
C ARG D 325 3.44 -26.04 -6.91
N GLU D 326 2.33 -26.73 -6.62
CA GLU D 326 1.91 -27.84 -7.44
C GLU D 326 1.45 -27.34 -8.80
N GLY D 327 1.85 -28.03 -9.86
CA GLY D 327 1.45 -27.65 -11.20
C GLY D 327 1.93 -26.28 -11.64
N HIS D 328 3.16 -25.92 -11.29
CA HIS D 328 3.74 -24.62 -11.66
C HIS D 328 5.03 -24.88 -12.41
N THR D 329 5.21 -24.17 -13.52
CA THR D 329 6.38 -24.32 -14.38
C THR D 329 7.05 -22.97 -14.59
N ARG D 330 8.34 -22.91 -14.32
CA ARG D 330 9.16 -21.75 -14.60
C ARG D 330 10.26 -22.16 -15.57
N TYR D 331 10.44 -21.39 -16.64
CA TYR D 331 11.45 -21.72 -17.62
C TYR D 331 12.24 -20.48 -18.03
N SER D 332 13.48 -20.72 -18.43
CA SER D 332 14.36 -19.63 -18.83
C SER D 332 15.32 -20.19 -19.88
N ILE D 333 15.24 -19.66 -21.10
CA ILE D 333 16.13 -20.04 -22.19
C ILE D 333 16.95 -18.82 -22.57
N THR D 334 18.27 -19.00 -22.67
CA THR D 334 19.17 -17.91 -23.01
C THR D 334 20.14 -18.38 -24.08
N ALA D 335 20.26 -17.60 -25.16
CA ALA D 335 21.18 -17.92 -26.23
C ALA D 335 21.90 -16.65 -26.66
N GLY D 336 23.15 -16.81 -27.06
CA GLY D 336 23.93 -15.67 -27.53
C GLY D 336 25.33 -15.60 -26.96
N GLU D 337 26.00 -14.48 -27.20
CA GLU D 337 27.38 -14.31 -26.76
C GLU D 337 27.43 -13.88 -25.30
N TYR D 338 28.56 -14.13 -24.66
CA TYR D 338 28.76 -13.79 -23.26
C TYR D 338 29.48 -12.46 -23.13
N ARG D 339 28.95 -11.57 -22.29
CA ARG D 339 29.51 -10.25 -22.08
C ARG D 339 29.90 -10.09 -20.63
N SER D 340 31.13 -9.63 -20.38
CA SER D 340 31.61 -9.38 -19.04
C SER D 340 32.37 -8.06 -19.00
N GLY D 341 32.41 -7.46 -17.81
CA GLY D 341 33.13 -6.21 -17.66
C GLY D 341 34.62 -6.35 -17.87
N ASN D 342 35.18 -7.49 -17.47
CA ASN D 342 36.61 -7.72 -17.61
C ASN D 342 36.99 -7.85 -19.08
N ALA D 343 37.99 -7.07 -19.50
CA ALA D 343 38.45 -7.13 -20.88
C ALA D 343 39.28 -8.39 -21.16
N GLN D 344 39.94 -8.92 -20.12
CA GLN D 344 40.77 -10.11 -20.32
C GLN D 344 39.94 -11.31 -20.72
N GLN D 345 38.75 -11.46 -20.15
CA GLN D 345 37.90 -12.61 -20.44
C GLN D 345 37.46 -12.60 -21.91
N GLU D 346 37.30 -13.80 -22.46
CA GLU D 346 36.92 -13.96 -23.86
C GLU D 346 35.41 -13.73 -24.01
N LYS D 347 34.90 -13.89 -25.22
CA LYS D 347 33.49 -13.66 -25.54
C LYS D 347 32.94 -14.85 -26.31
N PRO D 348 32.66 -15.96 -25.62
CA PRO D 348 32.14 -17.14 -26.32
C PRO D 348 30.62 -17.15 -26.39
N ARG D 349 30.11 -17.89 -27.38
CA ARG D 349 28.67 -18.08 -27.49
C ARG D 349 28.23 -19.27 -26.65
N PHE D 350 27.11 -19.12 -25.95
CA PHE D 350 26.68 -20.12 -24.99
C PHE D 350 25.17 -20.31 -25.07
N PHE D 351 24.71 -21.42 -24.51
CA PHE D 351 23.29 -21.72 -24.39
C PHE D 351 23.00 -22.14 -22.96
N GLN D 352 21.89 -21.65 -22.42
CA GLN D 352 21.49 -21.98 -21.06
C GLN D 352 20.00 -22.28 -21.03
N SER D 353 19.64 -23.40 -20.41
CA SER D 353 18.25 -23.78 -20.20
C SER D 353 18.03 -24.05 -18.73
N THR D 354 16.97 -23.47 -18.17
CA THR D 354 16.64 -23.64 -16.76
C THR D 354 15.15 -23.96 -16.63
N LEU D 355 14.85 -25.04 -15.90
CA LEU D 355 13.48 -25.49 -15.73
C LEU D 355 13.20 -25.77 -14.26
N LEU D 356 12.05 -25.28 -13.79
CA LEU D 356 11.59 -25.45 -12.41
C LEU D 356 10.17 -25.99 -12.48
N HIS D 357 9.96 -27.24 -12.09
CA HIS D 357 8.63 -27.82 -12.14
C HIS D 357 8.18 -28.23 -10.74
N GLY D 358 6.92 -27.92 -10.42
CA GLY D 358 6.36 -28.32 -9.15
C GLY D 358 5.49 -29.56 -9.23
N LEU D 359 6.06 -30.70 -8.83
CA LEU D 359 5.32 -31.94 -8.82
C LEU D 359 4.32 -31.94 -7.68
N PRO D 360 3.32 -32.82 -7.71
CA PRO D 360 2.34 -32.87 -6.61
C PRO D 360 2.98 -33.35 -5.32
N ALA D 361 2.24 -33.11 -4.23
CA ALA D 361 2.61 -33.51 -2.87
C ALA D 361 3.88 -32.83 -2.37
N GLY D 362 4.10 -31.57 -2.73
CA GLY D 362 5.20 -30.81 -2.16
C GLY D 362 6.57 -31.17 -2.67
N TRP D 363 6.67 -31.68 -3.90
CA TRP D 363 7.94 -32.01 -4.52
C TRP D 363 8.24 -31.00 -5.63
N THR D 364 9.53 -30.78 -5.87
CA THR D 364 9.95 -29.86 -6.92
C THR D 364 11.15 -30.47 -7.63
N ILE D 365 11.09 -30.52 -8.96
CA ILE D 365 12.19 -31.03 -9.78
C ILE D 365 12.72 -29.86 -10.60
N TYR D 366 14.01 -29.57 -10.47
CA TYR D 366 14.60 -28.48 -11.22
C TYR D 366 15.83 -28.95 -11.96
N GLY D 367 15.89 -28.62 -13.25
CA GLY D 367 16.99 -29.03 -14.10
C GLY D 367 17.59 -27.85 -14.83
N GLY D 368 18.82 -28.04 -15.28
CA GLY D 368 19.53 -27.00 -16.00
C GLY D 368 20.61 -27.53 -16.91
N THR D 369 20.84 -26.85 -18.02
CA THR D 369 21.85 -27.26 -18.99
C THR D 369 22.59 -26.04 -19.47
N GLN D 370 23.92 -26.04 -19.32
CA GLN D 370 24.76 -24.94 -19.76
C GLN D 370 25.78 -25.48 -20.75
N LEU D 371 25.66 -25.07 -22.01
CA LEU D 371 26.55 -25.54 -23.07
C LEU D 371 27.32 -24.37 -23.64
N ALA D 372 28.57 -24.64 -24.02
CA ALA D 372 29.44 -23.63 -24.61
C ALA D 372 30.48 -24.34 -25.45
N ASP D 373 31.47 -23.58 -25.94
CA ASP D 373 32.53 -24.17 -26.74
C ASP D 373 33.45 -25.05 -25.88
N ARG D 374 33.68 -24.66 -24.63
CA ARG D 374 34.59 -25.38 -23.76
C ARG D 374 33.96 -25.85 -22.45
N TYR D 375 32.73 -25.46 -22.15
CA TYR D 375 32.08 -25.78 -20.89
C TYR D 375 30.77 -26.50 -21.18
N ARG D 376 30.59 -27.67 -20.56
CA ARG D 376 29.36 -28.46 -20.75
C ARG D 376 28.92 -28.97 -19.38
N ALA D 377 27.79 -28.48 -18.89
CA ALA D 377 27.34 -28.82 -17.54
C ALA D 377 25.85 -29.15 -17.54
N PHE D 378 25.49 -30.13 -16.71
CA PHE D 378 24.12 -30.51 -16.46
C PHE D 378 23.87 -30.48 -14.96
N ASN D 379 22.81 -29.81 -14.53
CA ASN D 379 22.44 -29.69 -13.13
C ASN D 379 21.08 -30.34 -12.92
N PHE D 380 20.98 -31.19 -11.90
CA PHE D 380 19.74 -31.87 -11.57
C PHE D 380 19.51 -31.73 -10.07
N GLY D 381 18.30 -31.34 -9.68
CA GLY D 381 18.02 -31.11 -8.28
C GLY D 381 16.59 -31.44 -7.91
N ILE D 382 16.42 -31.89 -6.67
CA ILE D 382 15.13 -32.26 -6.11
C ILE D 382 14.93 -31.55 -4.79
N GLY D 383 13.73 -31.05 -4.57
CA GLY D 383 13.37 -30.44 -3.30
C GLY D 383 12.08 -31.03 -2.79
N LYS D 384 11.99 -31.14 -1.47
CA LYS D 384 10.85 -31.79 -0.82
C LYS D 384 10.40 -30.96 0.37
N ASN D 385 9.09 -30.85 0.53
CA ASN D 385 8.49 -30.27 1.72
C ASN D 385 8.07 -31.40 2.65
N MET D 386 8.66 -31.42 3.85
CA MET D 386 8.38 -32.46 4.83
C MET D 386 7.40 -32.01 5.90
N GLY D 387 6.80 -30.83 5.74
CA GLY D 387 5.83 -30.35 6.71
C GLY D 387 6.44 -29.94 8.03
N ALA D 388 6.12 -30.68 9.09
CA ALA D 388 6.64 -30.36 10.41
C ALA D 388 8.16 -30.54 10.47
N LEU D 389 8.68 -31.56 9.80
CA LEU D 389 10.11 -31.82 9.83
C LEU D 389 10.91 -30.68 9.23
N GLY D 390 10.43 -30.12 8.13
CA GLY D 390 11.11 -29.01 7.47
C GLY D 390 11.05 -29.10 5.96
N ALA D 391 12.01 -28.48 5.28
CA ALA D 391 12.09 -28.55 3.83
C ALA D 391 13.54 -28.78 3.42
N LEU D 392 13.71 -29.51 2.32
CA LEU D 392 15.03 -29.94 1.87
C LEU D 392 15.19 -29.62 0.39
N SER D 393 16.41 -29.28 -0.02
CA SER D 393 16.70 -29.09 -1.43
C SER D 393 18.13 -29.53 -1.71
N VAL D 394 18.31 -30.52 -2.58
CA VAL D 394 19.64 -31.00 -2.95
C VAL D 394 19.76 -31.06 -4.46
N ASP D 395 20.85 -30.48 -4.98
CA ASP D 395 21.11 -30.51 -6.41
C ASP D 395 22.58 -30.80 -6.67
N MET D 396 22.82 -31.65 -7.67
CA MET D 396 24.15 -32.01 -8.11
C MET D 396 24.36 -31.49 -9.52
N THR D 397 25.52 -30.90 -9.77
CA THR D 397 25.86 -30.38 -11.09
C THR D 397 27.13 -31.06 -11.58
N GLN D 398 27.04 -31.73 -12.73
CA GLN D 398 28.21 -32.31 -13.36
C GLN D 398 28.69 -31.40 -14.48
N ALA D 399 29.97 -31.02 -14.42
CA ALA D 399 30.52 -30.06 -15.37
C ALA D 399 31.83 -30.58 -15.95
N ASN D 400 31.85 -30.72 -17.27
CA ASN D 400 33.09 -30.93 -18.01
C ASN D 400 33.57 -29.56 -18.47
N SER D 401 34.64 -29.08 -17.86
CA SER D 401 35.11 -27.71 -18.08
C SER D 401 36.54 -27.75 -18.61
N THR D 402 36.85 -26.81 -19.50
CA THR D 402 38.19 -26.66 -20.04
C THR D 402 38.83 -25.41 -19.45
N LEU D 403 40.03 -25.55 -18.91
CA LEU D 403 40.75 -24.47 -18.27
C LEU D 403 41.21 -23.45 -19.32
N PRO D 404 41.82 -22.33 -18.92
CA PRO D 404 42.49 -21.49 -19.91
C PRO D 404 43.52 -22.26 -20.72
N ASP D 405 44.23 -23.18 -20.09
CA ASP D 405 45.05 -24.14 -20.80
C ASP D 405 44.19 -25.22 -21.44
N ASP D 406 44.79 -25.98 -22.36
CA ASP D 406 44.06 -27.03 -23.05
C ASP D 406 43.64 -28.17 -22.13
N SER D 407 44.15 -28.22 -20.90
CA SER D 407 43.79 -29.28 -19.97
C SER D 407 42.29 -29.29 -19.71
N GLN D 408 41.71 -30.48 -19.71
CA GLN D 408 40.28 -30.67 -19.54
C GLN D 408 40.01 -31.33 -18.19
N HIS D 409 39.05 -30.79 -17.44
CA HIS D 409 38.74 -31.25 -16.09
C HIS D 409 37.27 -31.62 -16.00
N ASP D 410 36.97 -32.56 -15.10
CA ASP D 410 35.61 -32.96 -14.79
C ASP D 410 35.34 -32.69 -13.32
N GLY D 411 34.13 -32.24 -13.01
CA GLY D 411 33.82 -31.93 -11.63
C GLY D 411 32.36 -32.11 -11.31
N GLN D 412 32.09 -32.27 -10.02
CA GLN D 412 30.74 -32.37 -9.50
C GLN D 412 30.61 -31.50 -8.26
N SER D 413 29.48 -30.83 -8.13
CA SER D 413 29.20 -30.00 -6.96
C SER D 413 27.83 -30.32 -6.43
N VAL D 414 27.73 -30.46 -5.10
CA VAL D 414 26.48 -30.78 -4.41
C VAL D 414 26.12 -29.59 -3.53
N ARG D 415 24.91 -29.07 -3.71
CA ARG D 415 24.43 -27.94 -2.90
C ARG D 415 23.22 -28.42 -2.09
N PHE D 416 23.38 -28.42 -0.77
CA PHE D 416 22.37 -28.93 0.14
C PHE D 416 21.82 -27.79 0.99
N LEU D 417 20.52 -27.58 0.93
CA LEU D 417 19.88 -26.47 1.64
C LEU D 417 18.76 -27.02 2.51
N TYR D 418 18.79 -26.62 3.79
CA TYR D 418 17.83 -27.11 4.79
C TYR D 418 17.31 -25.94 5.61
N ASN D 419 15.99 -25.79 5.66
CA ASN D 419 15.34 -24.74 6.43
C ASN D 419 14.55 -25.40 7.56
N LYS D 420 14.98 -25.18 8.80
CA LYS D 420 14.26 -25.73 9.94
C LYS D 420 12.92 -25.03 10.11
N SER D 421 11.93 -25.78 10.59
CA SER D 421 10.62 -25.22 10.87
C SER D 421 10.66 -24.45 12.19
N LEU D 422 9.51 -23.91 12.58
CA LEU D 422 9.42 -23.15 13.81
C LEU D 422 9.53 -24.08 15.02
N ASN D 423 10.43 -23.74 15.93
CA ASN D 423 10.60 -24.47 17.17
C ASN D 423 10.04 -23.67 18.34
N GLU D 424 9.85 -24.36 19.46
CA GLU D 424 9.35 -23.75 20.70
C GLU D 424 8.03 -23.01 20.49
N THR D 427 9.84 -20.04 17.06
CA THR D 427 10.66 -19.09 17.78
C THR D 427 12.02 -18.92 17.11
N ASN D 428 12.68 -20.04 16.84
CA ASN D 428 14.00 -20.05 16.20
C ASN D 428 13.87 -20.56 14.78
N ILE D 429 14.43 -19.80 13.84
CA ILE D 429 14.43 -20.19 12.43
C ILE D 429 15.88 -20.34 11.98
N GLN D 430 16.19 -21.49 11.37
CA GLN D 430 17.55 -21.84 10.98
C GLN D 430 17.60 -22.13 9.49
N LEU D 431 18.57 -21.55 8.81
CA LEU D 431 18.87 -21.82 7.41
C LEU D 431 20.28 -22.35 7.30
N VAL D 432 20.44 -23.54 6.73
CA VAL D 432 21.73 -24.19 6.56
C VAL D 432 21.94 -24.37 5.06
N GLY D 433 22.92 -23.65 4.51
CA GLY D 433 23.28 -23.81 3.11
C GLY D 433 24.70 -24.30 2.97
N TYR D 434 24.87 -25.51 2.45
CA TYR D 434 26.18 -26.12 2.31
C TYR D 434 26.45 -26.39 0.83
N ARG D 435 27.71 -26.21 0.44
CA ARG D 435 28.11 -26.49 -0.94
C ARG D 435 29.43 -27.23 -0.90
N TYR D 436 29.45 -28.45 -1.43
CA TYR D 436 30.65 -29.26 -1.53
C TYR D 436 31.03 -29.36 -3.00
N SER D 437 32.18 -28.79 -3.34
CA SER D 437 32.68 -28.81 -4.72
C SER D 437 33.93 -29.66 -4.75
N THR D 438 33.84 -30.83 -5.38
CA THR D 438 34.99 -31.73 -5.46
C THR D 438 36.05 -31.14 -6.36
N SER D 439 37.26 -31.70 -6.25
CA SER D 439 38.38 -31.23 -7.06
C SER D 439 38.07 -31.39 -8.55
N GLY D 440 38.34 -30.34 -9.31
CA GLY D 440 38.06 -30.35 -10.73
C GLY D 440 36.73 -29.77 -11.13
N TYR D 441 36.01 -29.12 -10.22
CA TYR D 441 34.74 -28.49 -10.53
C TYR D 441 34.95 -27.01 -10.80
N PHE D 442 34.51 -26.54 -11.95
CA PHE D 442 34.68 -25.16 -12.37
C PHE D 442 33.36 -24.60 -12.90
N ASN D 443 33.23 -23.28 -12.86
CA ASN D 443 32.08 -22.58 -13.38
C ASN D 443 32.39 -21.98 -14.75
N PHE D 444 31.33 -21.52 -15.42
CA PHE D 444 31.50 -20.91 -16.73
C PHE D 444 32.31 -19.62 -16.65
N ALA D 445 32.30 -18.96 -15.50
CA ALA D 445 33.10 -17.75 -15.34
C ALA D 445 34.59 -18.06 -15.42
N ASP D 446 35.02 -19.17 -14.84
CA ASP D 446 36.44 -19.51 -14.87
C ASP D 446 36.86 -20.02 -16.24
N THR D 447 35.92 -20.63 -16.98
CA THR D 447 36.24 -21.20 -18.29
C THR D 447 36.56 -20.14 -19.33
N THR D 448 35.98 -18.95 -19.22
CA THR D 448 36.13 -17.91 -20.23
C THR D 448 37.30 -16.97 -19.94
N TYR D 449 38.29 -17.41 -19.16
CA TYR D 449 39.46 -16.60 -18.89
C TYR D 449 40.32 -16.48 -20.15
N SER D 450 41.40 -15.72 -20.02
CA SER D 450 42.34 -15.55 -21.12
C SER D 450 43.23 -16.77 -21.29
N ASN D 479 40.64 -23.98 -5.97
CA ASN D 479 39.20 -24.16 -6.08
C ASN D 479 38.52 -24.05 -4.72
N LYS D 480 37.20 -24.11 -4.72
CA LYS D 480 36.43 -24.03 -3.48
C LYS D 480 36.16 -25.44 -2.97
N ARG D 481 36.89 -25.84 -1.93
CA ARG D 481 36.68 -27.17 -1.35
C ARG D 481 35.31 -27.26 -0.68
N GLY D 482 34.91 -26.22 0.04
CA GLY D 482 33.62 -26.24 0.70
C GLY D 482 33.15 -24.88 1.19
N LYS D 483 31.84 -24.68 1.20
CA LYS D 483 31.24 -23.46 1.72
C LYS D 483 30.09 -23.84 2.64
N LEU D 484 30.03 -23.19 3.81
CA LEU D 484 28.98 -23.46 4.79
C LEU D 484 28.45 -22.14 5.31
N GLN D 485 27.14 -21.94 5.18
CA GLN D 485 26.47 -20.76 5.72
C GLN D 485 25.37 -21.23 6.66
N LEU D 486 25.35 -20.68 7.88
CA LEU D 486 24.37 -21.07 8.88
C LEU D 486 23.81 -19.81 9.51
N THR D 487 22.49 -19.60 9.36
CA THR D 487 21.82 -18.43 9.88
C THR D 487 20.75 -18.84 10.87
N VAL D 488 20.79 -18.26 12.07
CA VAL D 488 19.83 -18.55 13.13
C VAL D 488 19.22 -17.24 13.60
N THR D 489 17.90 -17.13 13.53
CA THR D 489 17.20 -15.95 14.01
C THR D 489 16.24 -16.34 15.12
N GLN D 490 16.27 -15.57 16.22
CA GLN D 490 15.41 -15.82 17.37
C GLN D 490 14.83 -14.51 17.88
N GLN D 491 13.52 -14.47 18.06
CA GLN D 491 12.81 -13.30 18.56
C GLN D 491 12.51 -13.49 20.04
N LEU D 492 12.83 -12.49 20.85
CA LEU D 492 12.58 -12.55 22.29
C LEU D 492 11.85 -11.29 22.73
N GLY D 493 10.89 -11.47 23.65
CA GLY D 493 10.14 -10.35 24.18
C GLY D 493 9.36 -9.58 23.14
N ARG D 494 9.14 -10.16 21.96
CA ARG D 494 8.52 -9.54 20.80
C ARG D 494 9.24 -8.27 20.35
N THR D 495 10.41 -7.98 20.92
CA THR D 495 11.10 -6.73 20.63
C THR D 495 12.53 -6.96 20.14
N SER D 496 13.25 -7.90 20.75
CA SER D 496 14.66 -8.10 20.44
C SER D 496 14.82 -9.23 19.44
N THR D 497 15.67 -9.01 18.43
CA THR D 497 15.86 -9.99 17.37
C THR D 497 17.33 -10.42 17.33
N LEU D 498 17.63 -11.56 17.94
CA LEU D 498 18.97 -12.12 17.85
C LEU D 498 19.20 -12.71 16.47
N TYR D 499 20.23 -12.21 15.81
CA TYR D 499 20.62 -12.65 14.46
C TYR D 499 22.02 -13.21 14.55
N LEU D 500 22.17 -14.51 14.29
CA LEU D 500 23.48 -15.15 14.22
C LEU D 500 23.73 -15.64 12.80
N SER D 501 24.90 -15.33 12.26
CA SER D 501 25.24 -15.75 10.90
C SER D 501 26.69 -16.20 10.88
N GLY D 502 26.92 -17.40 10.36
CA GLY D 502 28.27 -17.93 10.24
C GLY D 502 28.58 -18.41 8.84
N SER D 503 29.65 -17.88 8.26
CA SER D 503 30.13 -18.27 6.95
C SER D 503 31.53 -18.85 7.08
N HIS D 504 31.74 -20.00 6.44
CA HIS D 504 33.01 -20.72 6.56
C HIS D 504 33.35 -21.32 5.20
N GLN D 505 34.45 -20.87 4.60
CA GLN D 505 34.85 -21.31 3.27
C GLN D 505 36.26 -21.90 3.33
N THR D 506 36.40 -23.11 2.80
CA THR D 506 37.69 -23.76 2.60
C THR D 506 38.15 -23.54 1.17
N TYR D 507 39.33 -24.08 0.86
CA TYR D 507 39.92 -23.92 -0.47
C TYR D 507 40.64 -25.19 -0.86
N TRP D 508 40.77 -25.40 -2.18
CA TRP D 508 41.55 -26.50 -2.72
C TRP D 508 42.97 -26.03 -3.01
N GLY D 509 43.95 -26.79 -2.53
CA GLY D 509 45.33 -26.40 -2.66
C GLY D 509 45.79 -25.55 -1.50
N THR D 510 45.29 -24.32 -1.42
CA THR D 510 45.57 -23.45 -0.29
C THR D 510 44.77 -23.89 0.93
N SER D 511 45.45 -24.04 2.06
CA SER D 511 44.81 -24.51 3.28
C SER D 511 44.20 -23.37 4.10
N ASN D 512 44.31 -22.13 3.64
CA ASN D 512 43.71 -21.02 4.36
C ASN D 512 42.19 -21.09 4.30
N VAL D 513 41.55 -20.67 5.38
CA VAL D 513 40.10 -20.74 5.53
C VAL D 513 39.57 -19.36 5.83
N ASP D 514 38.48 -18.98 5.16
CA ASP D 514 37.84 -17.68 5.37
C ASP D 514 36.62 -17.88 6.27
N GLU D 515 36.62 -17.22 7.42
CA GLU D 515 35.54 -17.32 8.39
C GLU D 515 34.95 -15.94 8.65
N GLN D 516 33.64 -15.90 8.87
CA GLN D 516 32.95 -14.62 9.11
C GLN D 516 31.74 -14.89 9.99
N PHE D 517 31.76 -14.33 11.20
CA PHE D 517 30.69 -14.50 12.17
C PHE D 517 30.08 -13.15 12.51
N GLN D 518 28.76 -13.03 12.40
CA GLN D 518 28.06 -11.79 12.66
C GLN D 518 26.88 -12.05 13.58
N ALA D 519 26.84 -11.34 14.72
CA ALA D 519 25.76 -11.47 15.68
C ALA D 519 25.19 -10.09 15.99
N GLY D 520 23.89 -9.95 15.85
CA GLY D 520 23.23 -8.67 16.06
C GLY D 520 22.05 -8.78 17.00
N LEU D 521 21.88 -7.74 17.83
CA LEU D 521 20.74 -7.61 18.72
C LEU D 521 20.08 -6.27 18.45
N ASN D 522 18.90 -6.30 17.84
CA ASN D 522 18.13 -5.11 17.52
C ASN D 522 16.88 -5.09 18.36
N THR D 523 16.59 -3.96 19.01
CA THR D 523 15.41 -3.79 19.84
C THR D 523 14.84 -2.40 19.65
N ALA D 524 13.53 -2.32 19.47
CA ALA D 524 12.82 -1.05 19.26
C ALA D 524 11.63 -1.00 20.22
N PHE D 525 11.85 -0.49 21.43
CA PHE D 525 10.79 -0.30 22.40
C PHE D 525 10.37 1.17 22.42
N GLU D 526 9.06 1.40 22.47
CA GLU D 526 8.46 2.74 22.40
C GLU D 526 8.91 3.33 21.06
N ASP D 527 9.50 4.53 21.05
CA ASP D 527 10.02 5.11 19.81
C ASP D 527 11.52 4.88 19.63
N ILE D 528 12.25 4.64 20.72
CA ILE D 528 13.70 4.44 20.62
C ILE D 528 13.98 3.15 19.87
N ASN D 529 14.92 3.21 18.93
CA ASN D 529 15.34 2.04 18.17
C ASN D 529 16.84 1.89 18.34
N TRP D 530 17.28 0.90 19.11
CA TRP D 530 18.70 0.71 19.40
C TRP D 530 19.15 -0.66 18.93
N THR D 531 20.29 -0.69 18.24
CA THR D 531 20.83 -1.90 17.64
C THR D 531 22.30 -2.02 18.00
N LEU D 532 22.69 -3.19 18.51
CA LEU D 532 24.06 -3.49 18.87
C LEU D 532 24.52 -4.68 18.04
N SER D 533 25.51 -4.46 17.18
CA SER D 533 25.98 -5.48 16.25
C SER D 533 27.46 -5.76 16.49
N TYR D 534 27.84 -7.02 16.30
CA TYR D 534 29.21 -7.47 16.46
C TYR D 534 29.56 -8.36 15.27
N SER D 535 30.79 -8.20 14.76
CA SER D 535 31.19 -8.94 13.58
C SER D 535 32.67 -9.26 13.68
N LEU D 536 33.06 -10.41 13.12
CA LEU D 536 34.44 -10.85 13.14
C LEU D 536 35.05 -10.80 11.74
N ASP D 546 40.40 -9.55 12.89
CA ASP D 546 39.71 -8.27 12.79
C ASP D 546 38.28 -8.39 13.30
N GLN D 547 37.85 -7.40 14.09
CA GLN D 547 36.51 -7.35 14.64
C GLN D 547 35.95 -5.95 14.49
N MET D 548 34.62 -5.85 14.55
CA MET D 548 33.95 -4.56 14.42
C MET D 548 32.65 -4.61 15.20
N LEU D 549 32.46 -3.66 16.11
CA LEU D 549 31.25 -3.55 16.91
C LEU D 549 30.61 -2.20 16.64
N ALA D 550 29.28 -2.17 16.60
CA ALA D 550 28.55 -0.96 16.30
C ALA D 550 27.33 -0.83 17.20
N LEU D 551 27.04 0.40 17.60
CA LEU D 551 25.85 0.74 18.35
C LEU D 551 25.13 1.89 17.63
N ASN D 552 23.86 1.69 17.31
CA ASN D 552 23.07 2.67 16.59
C ASN D 552 21.81 2.97 17.40
N VAL D 553 21.54 4.26 17.61
CA VAL D 553 20.36 4.72 18.32
C VAL D 553 19.61 5.69 17.42
N ASN D 554 18.34 5.41 17.18
CA ASN D 554 17.47 6.27 16.39
C ASN D 554 16.32 6.72 17.29
N ILE D 555 16.18 8.04 17.44
CA ILE D 555 15.13 8.63 18.26
C ILE D 555 14.41 9.68 17.43
N PRO D 556 13.20 9.38 16.96
CA PRO D 556 12.39 10.43 16.33
C PRO D 556 12.03 11.51 17.34
N PHE D 557 12.00 12.76 16.87
CA PHE D 557 11.66 13.86 17.76
C PHE D 557 10.20 13.83 18.18
N SER D 558 9.37 13.05 17.50
CA SER D 558 7.93 13.03 17.75
C SER D 558 7.62 12.54 19.15
N HIS D 559 8.60 11.93 19.81
CA HIS D 559 8.38 11.41 21.16
C HIS D 559 8.09 12.54 22.15
N TRP D 560 8.79 13.67 22.03
CA TRP D 560 8.70 14.71 23.06
C TRP D 560 7.62 15.75 22.76
N LEU D 561 7.74 16.47 21.65
CA LEU D 561 6.79 17.54 21.38
C LEU D 561 5.46 16.95 20.94
N ARG D 562 4.38 17.64 21.31
CA ARG D 562 3.05 17.16 20.97
C ARG D 562 2.86 17.11 19.46
N SER D 563 2.24 16.03 18.99
CA SER D 563 2.00 15.88 17.56
C SER D 563 0.99 16.88 17.03
N ASP D 564 0.21 17.51 17.90
CA ASP D 564 -0.75 18.51 17.46
C ASP D 564 -0.04 19.73 16.87
N SER D 565 1.10 20.10 17.45
CA SER D 565 1.83 21.27 16.97
C SER D 565 2.27 21.07 15.53
N LYS D 566 2.19 22.14 14.74
CA LYS D 566 2.52 22.11 13.32
C LYS D 566 3.95 22.53 13.04
N SER D 567 4.78 22.68 14.07
CA SER D 567 6.16 23.07 13.87
C SER D 567 6.87 22.05 12.98
N GLN D 568 7.65 22.54 12.01
CA GLN D 568 8.33 21.65 11.09
C GLN D 568 9.35 20.77 11.81
N TRP D 569 9.86 21.22 12.95
CA TRP D 569 10.85 20.45 13.69
C TRP D 569 10.31 19.09 14.12
N ARG D 570 8.99 18.91 14.18
CA ARG D 570 8.43 17.62 14.54
C ARG D 570 8.79 16.55 13.50
N HIS D 571 9.04 16.95 12.25
CA HIS D 571 9.44 16.01 11.21
C HIS D 571 10.96 15.91 11.20
N ALA D 572 11.50 15.39 12.30
CA ALA D 572 12.93 15.26 12.47
C ALA D 572 13.23 14.10 13.39
N SER D 573 14.48 13.65 13.36
CA SER D 573 14.93 12.52 14.16
C SER D 573 16.42 12.66 14.39
N ALA D 574 16.89 12.05 15.48
CA ALA D 574 18.29 12.08 15.87
C ALA D 574 18.87 10.67 15.75
N SER D 575 20.01 10.58 15.07
CA SER D 575 20.74 9.33 14.90
C SER D 575 22.10 9.47 15.58
N TYR D 576 22.40 8.55 16.50
CA TYR D 576 23.66 8.53 17.22
C TYR D 576 24.30 7.17 17.04
N SER D 577 25.48 7.13 16.43
CA SER D 577 26.14 5.88 16.12
C SER D 577 27.58 5.89 16.64
N MET D 578 27.99 4.77 17.24
CA MET D 578 29.34 4.60 17.72
C MET D 578 29.88 3.27 17.22
N SER D 579 30.99 3.31 16.50
CA SER D 579 31.61 2.12 15.94
C SER D 579 33.03 1.97 16.48
N HIS D 580 33.34 0.79 17.01
CA HIS D 580 34.67 0.48 17.50
C HIS D 580 35.53 -0.14 16.41
N ARG D 585 40.28 1.82 16.21
CA ARG D 585 39.66 2.98 15.59
C ARG D 585 38.24 3.18 16.09
N MET D 586 37.87 4.42 16.39
CA MET D 586 36.53 4.76 16.84
C MET D 586 35.90 5.75 15.86
N THR D 587 34.59 5.59 15.64
CA THR D 587 33.84 6.46 14.74
C THR D 587 32.54 6.86 15.45
N ASN D 588 32.42 8.14 15.78
CA ASN D 588 31.20 8.65 16.36
C ASN D 588 30.48 9.53 15.34
N LEU D 589 29.16 9.40 15.29
CA LEU D 589 28.38 10.18 14.32
C LEU D 589 27.03 10.52 14.95
N ALA D 590 26.82 11.81 15.23
CA ALA D 590 25.57 12.30 15.79
C ALA D 590 24.96 13.28 14.80
N GLY D 591 23.70 13.04 14.43
CA GLY D 591 23.10 13.84 13.39
C GLY D 591 21.61 13.99 13.57
N VAL D 592 21.08 15.07 13.00
CA VAL D 592 19.65 15.31 12.90
C VAL D 592 19.25 15.19 11.43
N TYR D 593 18.06 14.65 11.18
CA TYR D 593 17.63 14.45 9.80
C TYR D 593 16.11 14.42 9.76
N GLY D 594 15.55 14.95 8.67
CA GLY D 594 14.11 14.94 8.51
C GLY D 594 13.69 15.80 7.34
N THR D 595 12.44 16.29 7.42
CA THR D 595 11.87 17.16 6.41
C THR D 595 11.36 18.43 7.09
N LEU D 596 11.41 19.54 6.35
CA LEU D 596 10.96 20.80 6.93
C LEU D 596 10.14 21.63 5.94
N LEU D 597 9.66 21.05 4.86
CA LEU D 597 8.87 21.75 3.87
C LEU D 597 7.42 21.30 3.98
N GLU D 598 6.53 22.06 3.33
CA GLU D 598 5.09 21.80 3.46
C GLU D 598 4.72 20.42 2.96
N ASP D 599 5.26 20.02 1.80
CA ASP D 599 4.91 18.76 1.18
C ASP D 599 5.94 17.67 1.45
N ASN D 600 6.80 17.87 2.46
CA ASN D 600 7.86 16.93 2.80
C ASN D 600 8.75 16.64 1.61
N ASN D 601 9.04 17.67 0.82
CA ASN D 601 9.93 17.54 -0.32
C ASN D 601 11.37 17.84 0.06
N LEU D 602 11.60 18.95 0.76
CA LEU D 602 12.94 19.33 1.18
C LEU D 602 13.38 18.43 2.33
N SER D 603 14.21 17.45 2.01
CA SER D 603 14.78 16.54 3.00
C SER D 603 16.15 17.07 3.40
N TYR D 604 16.31 17.39 4.68
CA TYR D 604 17.55 17.95 5.20
C TYR D 604 18.18 16.97 6.17
N SER D 605 19.52 16.95 6.19
CA SER D 605 20.24 16.04 7.07
C SER D 605 21.58 16.70 7.42
N VAL D 606 21.76 17.02 8.70
CA VAL D 606 23.02 17.58 9.18
C VAL D 606 23.57 16.62 10.23
N GLN D 607 24.74 16.05 9.97
CA GLN D 607 25.32 15.01 10.82
C GLN D 607 26.77 15.34 11.12
N THR D 608 27.06 15.68 12.38
CA THR D 608 28.44 15.85 12.79
C THR D 608 29.07 14.50 13.10
N GLY D 609 30.39 14.43 12.93
CA GLY D 609 31.08 13.17 13.12
C GLY D 609 32.49 13.39 13.62
N TYR D 610 33.12 12.28 14.00
CA TYR D 610 34.48 12.30 14.53
C TYR D 610 35.12 10.93 14.41
N ALA D 611 36.31 10.87 13.83
CA ALA D 611 37.06 9.63 13.66
C ALA D 611 38.34 9.70 14.46
N GLY D 612 38.59 8.70 15.29
CA GLY D 612 39.80 8.64 16.10
C GLY D 612 40.58 7.37 15.90
N SER D 618 42.50 12.35 14.79
CA SER D 618 41.28 13.08 15.16
C SER D 618 40.73 13.86 13.98
N GLY D 619 39.86 13.22 13.20
CA GLY D 619 39.25 13.87 12.05
C GLY D 619 37.82 14.30 12.32
N SER D 620 37.54 15.59 12.11
CA SER D 620 36.20 16.14 12.32
C SER D 620 35.61 16.46 10.95
N THR D 621 34.87 15.50 10.40
CA THR D 621 34.30 15.61 9.06
C THR D 621 32.78 15.51 9.17
N GLY D 622 32.15 16.67 9.35
CA GLY D 622 30.70 16.72 9.36
C GLY D 622 30.13 16.65 7.94
N TYR D 623 28.84 16.39 7.87
CA TYR D 623 28.12 16.26 6.60
C TYR D 623 26.83 17.06 6.68
N ALA D 624 26.41 17.61 5.55
CA ALA D 624 25.12 18.29 5.45
C ALA D 624 24.58 18.08 4.05
N THR D 625 23.30 17.77 3.95
CA THR D 625 22.69 17.47 2.66
C THR D 625 21.26 18.02 2.61
N LEU D 626 20.90 18.55 1.44
CA LEU D 626 19.55 19.04 1.17
C LEU D 626 19.09 18.44 -0.14
N ASN D 627 18.03 17.64 -0.09
CA ASN D 627 17.46 17.01 -1.26
C ASN D 627 16.10 17.66 -1.54
N TYR D 628 15.82 17.96 -2.79
CA TYR D 628 14.54 18.55 -3.17
C TYR D 628 13.91 17.69 -4.26
N ARG D 629 12.70 17.21 -4.00
CA ARG D 629 11.94 16.37 -4.92
C ARG D 629 10.72 17.15 -5.36
N GLY D 630 10.87 17.98 -6.39
CA GLY D 630 9.78 18.77 -6.90
C GLY D 630 9.14 18.15 -8.13
N GLY D 631 8.24 18.92 -8.74
CA GLY D 631 7.54 18.48 -9.92
C GLY D 631 8.29 18.64 -11.22
N TYR D 632 9.48 19.23 -11.18
CA TYR D 632 10.31 19.40 -12.37
C TYR D 632 11.61 18.64 -12.32
N GLY D 633 11.91 17.96 -11.23
CA GLY D 633 13.16 17.23 -11.10
C GLY D 633 13.64 17.23 -9.67
N ASN D 634 14.56 16.32 -9.40
CA ASN D 634 15.14 16.15 -8.07
C ASN D 634 16.53 16.79 -8.08
N ALA D 635 16.75 17.73 -7.18
CA ALA D 635 18.03 18.42 -7.04
C ALA D 635 18.57 18.18 -5.64
N ASN D 636 19.76 17.59 -5.55
CA ASN D 636 20.39 17.30 -4.27
C ASN D 636 21.72 18.01 -4.18
N ILE D 637 21.92 18.76 -3.09
CA ILE D 637 23.14 19.52 -2.89
C ILE D 637 23.69 19.21 -1.50
N GLY D 638 24.98 18.93 -1.43
CA GLY D 638 25.58 18.51 -0.18
C GLY D 638 26.95 19.11 0.10
N TYR D 639 27.17 19.54 1.34
CA TYR D 639 28.44 20.09 1.80
C TYR D 639 29.02 19.16 2.86
N SER D 640 30.23 18.67 2.63
CA SER D 640 30.91 17.79 3.57
C SER D 640 32.21 18.46 3.99
N HIS D 641 32.38 18.66 5.29
CA HIS D 641 33.59 19.27 5.83
C HIS D 641 34.72 18.26 5.91
N LYS D 646 37.07 19.86 1.69
CA LYS D 646 35.68 20.27 1.58
C LYS D 646 35.07 19.76 0.28
N GLN D 647 33.95 19.05 0.39
CA GLN D 647 33.28 18.45 -0.76
C GLN D 647 31.94 19.14 -0.98
N LEU D 648 31.63 19.43 -2.24
CA LEU D 648 30.36 20.03 -2.62
C LEU D 648 29.75 19.21 -3.76
N TYR D 649 28.67 18.50 -3.46
CA TYR D 649 27.93 17.72 -4.43
C TYR D 649 26.72 18.52 -4.91
N TYR D 650 26.48 18.51 -6.22
CA TYR D 650 25.24 19.07 -6.75
C TYR D 650 24.77 18.22 -7.91
N GLY D 651 23.55 17.68 -7.78
CA GLY D 651 23.04 16.77 -8.79
C GLY D 651 21.60 17.06 -9.12
N VAL D 652 21.24 16.81 -10.38
CA VAL D 652 19.89 16.98 -10.88
C VAL D 652 19.49 15.73 -11.65
N SER D 653 18.35 15.15 -11.29
CA SER D 653 17.80 13.97 -11.95
C SER D 653 16.39 14.29 -12.42
N GLY D 654 16.09 13.91 -13.65
CA GLY D 654 14.77 14.20 -14.18
C GLY D 654 14.40 13.29 -15.32
N GLY D 655 13.20 13.51 -15.83
CA GLY D 655 12.69 12.71 -16.93
C GLY D 655 11.86 13.51 -17.91
N VAL D 656 12.03 13.20 -19.20
CA VAL D 656 11.32 13.88 -20.28
C VAL D 656 10.51 12.83 -21.02
N LEU D 657 9.22 13.12 -21.21
CA LEU D 657 8.31 12.22 -21.89
C LEU D 657 7.75 12.94 -23.11
N ALA D 658 8.14 12.49 -24.30
CA ALA D 658 7.59 13.01 -25.55
C ALA D 658 6.45 12.09 -26.00
N HIS D 659 5.26 12.42 -25.52
CA HIS D 659 4.06 11.69 -25.87
C HIS D 659 3.31 12.43 -26.97
N ALA D 660 2.08 11.99 -27.25
CA ALA D 660 1.28 12.63 -28.30
C ALA D 660 0.97 14.07 -27.95
N ASN D 661 0.60 14.34 -26.71
CA ASN D 661 0.17 15.67 -26.28
C ASN D 661 1.32 16.50 -25.70
N GLY D 662 2.41 16.63 -26.45
CA GLY D 662 3.50 17.48 -26.05
C GLY D 662 4.50 16.81 -25.13
N VAL D 663 5.45 17.62 -24.67
CA VAL D 663 6.56 17.15 -23.85
C VAL D 663 6.25 17.43 -22.38
N THR D 664 6.41 16.40 -21.54
CA THR D 664 6.16 16.51 -20.11
C THR D 664 7.44 16.25 -19.35
N LEU D 665 7.78 17.16 -18.43
CA LEU D 665 8.96 17.01 -17.58
C LEU D 665 8.53 16.54 -16.20
N GLY D 666 9.35 15.69 -15.58
CA GLY D 666 9.00 15.16 -14.27
C GLY D 666 10.12 14.46 -13.53
N GLN D 667 9.75 13.75 -12.48
CA GLN D 667 10.72 13.03 -11.65
C GLN D 667 11.36 11.90 -12.45
N PRO D 668 12.53 11.42 -12.01
CA PRO D 668 13.18 10.31 -12.72
C PRO D 668 12.27 9.10 -12.83
N LEU D 669 12.31 8.45 -13.99
CA LEU D 669 11.38 7.40 -14.33
C LEU D 669 11.92 6.03 -13.91
N ASN D 670 11.03 5.20 -13.38
CA ASN D 670 11.40 3.89 -12.83
C ASN D 670 10.48 2.84 -13.45
N ASP D 671 10.92 2.24 -14.56
CA ASP D 671 10.20 1.18 -15.26
C ASP D 671 8.83 1.69 -15.64
N THR D 672 7.73 1.17 -15.09
CA THR D 672 6.41 1.65 -15.46
C THR D 672 6.18 3.06 -14.92
N VAL D 673 5.66 3.93 -15.79
CA VAL D 673 5.38 5.32 -15.43
C VAL D 673 3.96 5.64 -15.84
N VAL D 674 3.26 6.41 -15.01
CA VAL D 674 1.86 6.75 -15.26
C VAL D 674 1.79 8.20 -15.69
N LEU D 675 1.29 8.43 -16.90
CA LEU D 675 1.17 9.78 -17.45
C LEU D 675 -0.24 10.29 -17.16
N VAL D 676 -0.34 11.23 -16.22
CA VAL D 676 -1.64 11.79 -15.84
C VAL D 676 -1.87 13.04 -16.68
N LYS D 677 -3.01 13.09 -17.37
CA LYS D 677 -3.36 14.16 -18.29
C LYS D 677 -4.66 14.79 -17.81
N ALA D 678 -4.56 15.98 -17.23
CA ALA D 678 -5.72 16.74 -16.76
C ALA D 678 -5.58 18.18 -17.24
N PRO D 679 -5.87 18.43 -18.52
CA PRO D 679 -5.71 19.79 -19.06
C PRO D 679 -6.60 20.78 -18.34
N GLY D 680 -6.08 21.99 -18.15
CA GLY D 680 -6.81 23.05 -17.49
C GLY D 680 -6.68 23.10 -15.98
N ALA D 681 -6.00 22.12 -15.38
CA ALA D 681 -5.84 22.05 -13.92
C ALA D 681 -4.35 22.20 -13.62
N LYS D 682 -3.91 23.45 -13.44
CA LYS D 682 -2.53 23.72 -13.11
C LYS D 682 -2.29 23.54 -11.61
N ASP D 683 -1.12 23.01 -11.27
CA ASP D 683 -0.69 22.86 -9.88
C ASP D 683 -1.67 22.00 -9.08
N ALA D 684 -1.80 20.75 -9.49
CA ALA D 684 -2.65 19.77 -8.81
C ALA D 684 -1.77 18.65 -8.28
N LYS D 685 -1.63 18.56 -6.97
CA LYS D 685 -0.78 17.55 -6.36
C LYS D 685 -1.48 16.20 -6.35
N VAL D 686 -0.76 15.16 -6.78
CA VAL D 686 -1.27 13.80 -6.73
C VAL D 686 -1.12 13.28 -5.31
N GLU D 687 -1.77 12.18 -4.99
CA GLU D 687 -1.76 11.64 -3.64
C GLU D 687 -0.79 10.46 -3.52
N ASN D 688 -0.38 10.19 -2.28
CA ASN D 688 0.51 9.09 -1.92
C ASN D 688 1.89 9.21 -2.57
N GLN D 689 2.22 10.39 -3.07
CA GLN D 689 3.54 10.65 -3.63
C GLN D 689 3.98 12.06 -3.23
N THR D 690 5.29 12.26 -3.15
CA THR D 690 5.83 13.53 -2.68
C THR D 690 6.34 14.35 -3.86
N GLY D 691 5.85 15.58 -3.97
CA GLY D 691 6.35 16.50 -4.98
C GLY D 691 6.11 16.06 -6.41
N VAL D 692 4.93 15.54 -6.71
CA VAL D 692 4.55 15.16 -8.06
C VAL D 692 3.37 16.06 -8.44
N ARG D 693 3.66 17.19 -9.05
CA ARG D 693 2.68 18.23 -9.31
C ARG D 693 2.49 18.42 -10.80
N THR D 694 1.26 18.75 -11.19
CA THR D 694 0.96 19.11 -12.56
C THR D 694 1.51 20.49 -12.86
N ASP D 695 2.09 20.65 -14.04
CA ASP D 695 2.62 21.93 -14.48
C ASP D 695 1.56 22.69 -15.26
N TRP D 696 1.96 23.82 -15.86
CA TRP D 696 0.99 24.68 -16.53
C TRP D 696 0.35 23.97 -17.73
N ARG D 697 1.06 23.04 -18.35
CA ARG D 697 0.45 22.25 -19.42
C ARG D 697 -0.67 21.36 -18.87
N GLY D 698 -0.51 20.87 -17.65
CA GLY D 698 -1.48 20.00 -17.03
C GLY D 698 -1.13 18.52 -17.05
N TYR D 699 0.03 18.16 -17.58
CA TYR D 699 0.45 16.77 -17.67
C TYR D 699 1.54 16.51 -16.63
N ALA D 700 1.42 15.40 -15.90
CA ALA D 700 2.42 15.03 -14.92
C ALA D 700 2.72 13.54 -15.04
N VAL D 701 3.76 13.10 -14.33
CA VAL D 701 4.20 11.71 -14.40
C VAL D 701 4.38 11.15 -12.99
N LEU D 702 3.71 10.03 -12.73
CA LEU D 702 3.96 9.22 -11.55
C LEU D 702 5.09 8.26 -11.87
N PRO D 703 6.25 8.38 -11.20
CA PRO D 703 7.39 7.55 -11.59
C PRO D 703 7.18 6.06 -11.43
N TYR D 704 6.42 5.63 -10.43
CA TYR D 704 6.31 4.21 -10.11
C TYR D 704 4.86 3.79 -10.00
N ALA D 705 4.53 2.65 -10.60
CA ALA D 705 3.23 2.02 -10.46
C ALA D 705 3.42 0.53 -10.72
N THR D 706 2.99 -0.29 -9.76
CA THR D 706 3.27 -1.73 -9.82
C THR D 706 2.66 -2.35 -11.07
N GLU D 707 3.46 -3.14 -11.77
CA GLU D 707 3.04 -3.75 -13.01
C GLU D 707 2.13 -4.95 -12.76
N TYR D 708 1.17 -5.15 -13.66
CA TYR D 708 0.20 -6.24 -13.59
C TYR D 708 -0.60 -6.21 -12.29
N ARG D 709 -0.82 -5.01 -11.77
CA ARG D 709 -1.58 -4.85 -10.53
C ARG D 709 -2.47 -3.63 -10.64
N GLU D 710 -3.52 -3.60 -9.81
CA GLU D 710 -4.43 -2.48 -9.79
C GLU D 710 -3.86 -1.38 -8.89
N ASN D 711 -3.56 -0.23 -9.48
CA ASN D 711 -3.05 0.91 -8.74
C ASN D 711 -3.99 2.09 -8.89
N ARG D 712 -4.08 2.89 -7.83
CA ARG D 712 -4.98 4.03 -7.76
C ARG D 712 -4.22 5.31 -8.07
N VAL D 713 -4.73 6.07 -9.04
CA VAL D 713 -4.16 7.37 -9.39
C VAL D 713 -5.22 8.42 -9.07
N ALA D 714 -4.96 9.23 -8.05
CA ALA D 714 -5.93 10.20 -7.57
C ALA D 714 -5.31 11.58 -7.53
N LEU D 715 -6.10 12.58 -7.92
CA LEU D 715 -5.69 13.98 -7.84
C LEU D 715 -6.32 14.60 -6.60
N ASP D 716 -5.48 15.10 -5.70
CA ASP D 716 -5.94 15.70 -4.45
C ASP D 716 -6.64 17.01 -4.75
N THR D 717 -7.97 17.01 -4.68
CA THR D 717 -8.73 18.22 -4.95
C THR D 717 -8.58 19.26 -3.86
N ASN D 718 -8.02 18.89 -2.70
CA ASN D 718 -7.86 19.83 -1.61
C ASN D 718 -6.95 21.00 -2.00
N THR D 719 -5.85 20.70 -2.69
CA THR D 719 -4.89 21.71 -3.11
C THR D 719 -5.06 22.10 -4.57
N LEU D 720 -6.29 22.07 -5.07
CA LEU D 720 -6.58 22.37 -6.45
C LEU D 720 -7.40 23.66 -6.53
N ALA D 721 -7.21 24.42 -7.61
CA ALA D 721 -7.80 25.75 -7.72
C ALA D 721 -9.32 25.69 -7.70
N ASP D 722 -9.94 26.72 -7.14
CA ASP D 722 -11.39 26.74 -7.00
C ASP D 722 -12.09 26.78 -8.36
N ASN D 723 -11.49 27.47 -9.33
CA ASN D 723 -12.13 27.62 -10.64
C ASN D 723 -12.16 26.33 -11.45
N VAL D 724 -11.45 25.29 -11.02
CA VAL D 724 -11.34 24.05 -11.78
C VAL D 724 -12.01 22.94 -10.99
N ASP D 725 -12.83 22.14 -11.67
CA ASP D 725 -13.49 21.00 -11.02
C ASP D 725 -13.31 19.76 -11.88
N LEU D 726 -12.96 18.65 -11.24
CA LEU D 726 -12.70 17.41 -11.96
C LEU D 726 -13.95 16.54 -12.03
N ASP D 727 -14.25 16.02 -13.23
CA ASP D 727 -15.38 15.12 -13.38
C ASP D 727 -15.15 13.83 -12.58
N ASN D 728 -13.94 13.28 -12.64
CA ASN D 728 -13.56 12.12 -11.84
C ASN D 728 -12.13 12.31 -11.38
N ALA D 729 -11.94 12.38 -10.07
CA ALA D 729 -10.63 12.65 -9.49
C ALA D 729 -9.79 11.40 -9.28
N VAL D 730 -10.30 10.23 -9.65
CA VAL D 730 -9.61 8.96 -9.42
C VAL D 730 -9.72 8.10 -10.67
N ALA D 731 -8.61 7.44 -11.04
CA ALA D 731 -8.59 6.45 -12.09
C ALA D 731 -7.79 5.24 -11.64
N ASN D 732 -7.96 4.14 -12.36
CA ASN D 732 -7.23 2.90 -12.10
C ASN D 732 -6.66 2.39 -13.42
N VAL D 733 -5.37 2.07 -13.43
CA VAL D 733 -4.71 1.55 -14.61
C VAL D 733 -3.84 0.37 -14.19
N VAL D 734 -3.74 -0.63 -15.07
CA VAL D 734 -2.90 -1.80 -14.81
C VAL D 734 -1.83 -1.86 -15.89
N PRO D 735 -0.69 -1.21 -15.69
CA PRO D 735 0.32 -1.16 -16.74
C PRO D 735 1.09 -2.45 -16.86
N THR D 736 1.73 -2.63 -18.01
CA THR D 736 2.62 -3.74 -18.26
C THR D 736 4.06 -3.29 -17.98
N ARG D 737 4.98 -4.25 -17.98
CA ARG D 737 6.40 -3.94 -17.81
C ARG D 737 6.86 -2.94 -18.86
N GLY D 738 7.29 -1.77 -18.40
CA GLY D 738 7.71 -0.70 -19.29
C GLY D 738 6.60 -0.15 -20.16
N ALA D 739 5.45 0.14 -19.55
CA ALA D 739 4.30 0.67 -20.25
C ALA D 739 4.00 2.08 -19.76
N ILE D 740 3.80 3.01 -20.70
CA ILE D 740 3.38 4.37 -20.37
C ILE D 740 1.86 4.41 -20.49
N VAL D 741 1.15 4.19 -19.39
CA VAL D 741 -0.30 4.17 -19.36
C VAL D 741 -0.79 5.58 -19.03
N ARG D 742 -1.85 6.01 -19.71
CA ARG D 742 -2.41 7.33 -19.52
C ARG D 742 -3.69 7.23 -18.70
N ALA D 743 -3.73 7.94 -17.58
CA ALA D 743 -4.95 8.06 -16.77
C ALA D 743 -5.56 9.42 -17.07
N GLU D 744 -6.75 9.42 -17.64
CA GLU D 744 -7.40 10.63 -18.14
C GLU D 744 -8.38 11.17 -17.10
N PHE D 745 -8.29 12.46 -16.82
CA PHE D 745 -9.23 13.15 -15.95
C PHE D 745 -9.68 14.43 -16.63
N LYS D 746 -10.99 14.56 -16.84
CA LYS D 746 -11.54 15.75 -17.47
C LYS D 746 -11.79 16.81 -16.41
N ALA D 747 -11.45 18.05 -16.72
CA ALA D 747 -11.60 19.17 -15.80
C ALA D 747 -12.36 20.29 -16.46
N ARG D 748 -13.37 20.80 -15.77
CA ARG D 748 -14.13 21.96 -16.18
C ARG D 748 -13.47 23.20 -15.60
N VAL D 749 -13.26 24.20 -16.45
CA VAL D 749 -12.46 25.38 -16.08
C VAL D 749 -13.33 26.53 -15.58
N GLY D 750 -14.63 26.52 -15.87
CA GLY D 750 -15.50 27.60 -15.43
C GLY D 750 -15.84 27.51 -13.96
N ILE D 751 -16.54 28.56 -13.49
CA ILE D 751 -16.88 28.65 -12.07
C ILE D 751 -17.98 27.65 -11.73
N LYS D 752 -17.91 27.10 -10.53
CA LYS D 752 -18.95 26.21 -10.02
C LYS D 752 -20.20 27.00 -9.68
N LEU D 753 -21.35 26.34 -9.71
CA LEU D 753 -22.60 27.06 -9.50
C LEU D 753 -23.71 26.09 -9.09
N LEU D 754 -24.45 26.46 -8.06
CA LEU D 754 -25.62 25.71 -7.60
C LEU D 754 -26.87 26.48 -7.99
N MET D 755 -27.79 25.82 -8.67
CA MET D 755 -28.96 26.45 -9.25
C MET D 755 -30.22 25.83 -8.67
N THR D 756 -31.13 26.68 -8.20
CA THR D 756 -32.44 26.28 -7.74
C THR D 756 -33.44 26.52 -8.86
N LEU D 757 -33.96 25.44 -9.44
CA LEU D 757 -34.86 25.51 -10.57
C LEU D 757 -36.27 25.12 -10.14
N THR D 758 -37.24 25.96 -10.48
CA THR D 758 -38.64 25.70 -10.21
C THR D 758 -39.41 25.79 -11.52
N HIS D 759 -40.24 24.78 -11.79
CA HIS D 759 -41.11 24.76 -12.95
C HIS D 759 -42.55 24.81 -12.49
N ASN D 760 -43.32 25.76 -13.02
CA ASN D 760 -44.67 26.04 -12.55
C ASN D 760 -44.67 26.32 -11.04
N ASN D 761 -43.67 27.09 -10.61
CA ASN D 761 -43.48 27.43 -9.19
C ASN D 761 -43.40 26.17 -8.33
N LYS D 762 -42.66 25.18 -8.83
CA LYS D 762 -42.53 23.90 -8.15
C LYS D 762 -41.14 23.34 -8.45
N PRO D 763 -40.43 22.83 -7.43
CA PRO D 763 -39.07 22.32 -7.67
C PRO D 763 -39.07 21.18 -8.68
N LEU D 764 -38.00 21.12 -9.46
CA LEU D 764 -37.89 20.12 -10.52
C LEU D 764 -37.88 18.73 -9.90
N PRO D 765 -38.44 17.72 -10.58
CA PRO D 765 -38.49 16.38 -10.00
C PRO D 765 -37.12 15.75 -9.91
N PHE D 766 -37.02 14.78 -9.00
CA PHE D 766 -35.79 14.03 -8.80
C PHE D 766 -35.37 13.32 -10.08
N GLY D 767 -34.07 13.29 -10.33
CA GLY D 767 -33.52 12.62 -11.50
C GLY D 767 -33.54 13.43 -12.78
N ALA D 768 -33.99 14.68 -12.72
CA ALA D 768 -34.01 15.50 -13.93
C ALA D 768 -32.60 15.82 -14.39
N MET D 769 -32.39 15.74 -15.71
CA MET D 769 -31.08 15.98 -16.30
C MET D 769 -30.96 17.44 -16.69
N VAL D 770 -29.90 18.10 -16.21
CA VAL D 770 -29.63 19.49 -16.52
C VAL D 770 -28.38 19.53 -17.38
N THR D 771 -28.51 20.06 -18.59
CA THR D 771 -27.39 20.21 -19.52
C THR D 771 -27.18 21.68 -19.83
N SER D 772 -25.95 22.02 -20.19
CA SER D 772 -25.59 23.39 -20.56
C SER D 772 -24.64 23.31 -21.75
N GLU D 773 -25.13 23.71 -22.93
CA GLU D 773 -24.31 23.72 -24.12
C GLU D 773 -23.30 24.85 -24.12
N SER D 774 -23.44 25.80 -23.19
CA SER D 774 -22.51 26.93 -23.14
C SER D 774 -21.08 26.46 -22.88
N SER D 775 -20.91 25.52 -21.95
CA SER D 775 -19.60 24.95 -21.66
C SER D 775 -19.60 23.43 -21.75
N GLN D 776 -20.65 22.83 -22.31
CA GLN D 776 -20.79 21.38 -22.40
C GLN D 776 -20.68 20.74 -21.02
N SER D 777 -21.63 21.10 -20.16
CA SER D 777 -21.66 20.60 -18.79
C SER D 777 -22.97 19.86 -18.55
N SER D 778 -22.95 18.91 -17.63
CA SER D 778 -24.11 18.07 -17.34
C SER D 778 -24.20 17.80 -15.84
N GLY D 779 -25.42 17.53 -15.39
CA GLY D 779 -25.67 17.19 -14.00
C GLY D 779 -27.07 16.64 -13.77
N ILE D 780 -27.32 16.15 -12.57
CA ILE D 780 -28.63 15.59 -12.19
C ILE D 780 -29.14 16.35 -10.98
N VAL D 781 -30.43 16.72 -11.01
CA VAL D 781 -31.04 17.45 -9.91
C VAL D 781 -30.99 16.59 -8.66
N ALA D 782 -30.50 17.14 -7.56
CA ALA D 782 -30.31 16.35 -6.34
C ALA D 782 -31.60 16.25 -5.53
N ASP D 783 -32.11 17.38 -5.04
CA ASP D 783 -33.29 17.39 -4.19
C ASP D 783 -33.76 18.83 -4.02
N ASN D 784 -35.08 18.98 -3.83
CA ASN D 784 -35.70 20.29 -3.66
C ASN D 784 -35.40 21.21 -4.84
N GLY D 785 -35.29 20.60 -6.02
CA GLY D 785 -34.99 21.37 -7.22
C GLY D 785 -33.64 22.05 -7.18
N GLN D 786 -32.63 21.42 -6.62
CA GLN D 786 -31.28 21.96 -6.57
C GLN D 786 -30.39 21.12 -7.47
N VAL D 787 -29.61 21.79 -8.32
CA VAL D 787 -28.69 21.12 -9.23
C VAL D 787 -27.32 21.76 -9.10
N TYR D 788 -26.28 20.94 -9.09
CA TYR D 788 -24.91 21.44 -9.04
C TYR D 788 -24.29 21.34 -10.43
N LEU D 789 -23.58 22.39 -10.84
CA LEU D 789 -22.97 22.44 -12.17
C LEU D 789 -21.54 22.95 -12.03
N SER D 790 -20.58 22.18 -12.52
CA SER D 790 -19.19 22.59 -12.55
C SER D 790 -18.87 23.18 -13.92
N GLY D 791 -18.11 24.27 -13.93
CA GLY D 791 -17.72 24.87 -15.19
C GLY D 791 -18.86 25.55 -15.92
N MET D 792 -19.37 26.64 -15.36
CA MET D 792 -20.44 27.37 -16.01
C MET D 792 -19.99 28.79 -16.35
N PRO D 793 -20.44 29.35 -17.46
CA PRO D 793 -20.06 30.71 -17.81
C PRO D 793 -20.85 31.74 -17.00
N LEU D 794 -20.47 33.01 -17.17
CA LEU D 794 -21.11 34.08 -16.41
C LEU D 794 -22.58 34.22 -16.77
N ALA D 795 -22.90 34.14 -18.06
CA ALA D 795 -24.26 34.28 -18.53
C ALA D 795 -24.57 33.18 -19.55
N GLY D 796 -25.73 32.56 -19.42
CA GLY D 796 -26.10 31.52 -20.35
C GLY D 796 -27.52 31.05 -20.13
N LYS D 797 -27.80 29.86 -20.66
CA LYS D 797 -29.11 29.25 -20.48
C LYS D 797 -28.94 27.74 -20.43
N VAL D 798 -29.62 27.12 -19.47
CA VAL D 798 -29.53 25.69 -19.27
C VAL D 798 -30.79 25.03 -19.80
N GLN D 799 -30.63 23.78 -20.26
CA GLN D 799 -31.73 22.97 -20.76
C GLN D 799 -32.01 21.86 -19.76
N VAL D 800 -33.29 21.60 -19.52
CA VAL D 800 -33.73 20.66 -18.50
C VAL D 800 -34.59 19.60 -19.17
N LYS D 801 -34.28 18.34 -18.90
CA LYS D 801 -35.04 17.21 -19.40
C LYS D 801 -35.53 16.41 -18.18
N TRP D 802 -36.85 16.45 -17.95
CA TRP D 802 -37.43 15.64 -16.89
C TRP D 802 -37.55 14.18 -17.30
N GLY D 803 -37.79 13.94 -18.59
CA GLY D 803 -37.93 12.59 -19.10
C GLY D 803 -37.50 12.44 -20.53
N HIS D 809 -38.05 19.00 -21.17
CA HIS D 809 -37.76 19.94 -22.25
C HIS D 809 -38.11 21.37 -21.85
N CYS D 810 -37.24 21.99 -21.06
CA CYS D 810 -37.43 23.35 -20.58
C CYS D 810 -36.13 24.12 -20.70
N VAL D 811 -36.23 25.43 -20.79
CA VAL D 811 -35.08 26.32 -20.91
C VAL D 811 -35.11 27.32 -19.76
N ALA D 812 -33.94 27.57 -19.17
CA ALA D 812 -33.83 28.51 -18.05
C ALA D 812 -32.65 29.43 -18.33
N ASN D 813 -32.95 30.71 -18.57
CA ASN D 813 -31.91 31.71 -18.73
C ASN D 813 -31.35 32.11 -17.36
N TYR D 814 -30.07 32.49 -17.34
CA TYR D 814 -29.45 32.89 -16.10
C TYR D 814 -28.26 33.79 -16.39
N GLN D 815 -28.02 34.73 -15.49
CA GLN D 815 -26.87 35.62 -15.55
C GLN D 815 -26.31 35.81 -14.15
N LEU D 816 -25.00 35.99 -14.06
CA LEU D 816 -24.33 36.13 -12.78
C LEU D 816 -23.48 37.40 -12.79
N PRO D 817 -23.55 38.22 -11.73
CA PRO D 817 -22.65 39.36 -11.64
C PRO D 817 -21.21 38.91 -11.49
N PRO D 818 -20.24 39.73 -11.88
CA PRO D 818 -18.83 39.31 -11.76
C PRO D 818 -18.40 39.04 -10.34
N GLU D 819 -19.13 39.56 -9.34
CA GLU D 819 -18.78 39.27 -7.95
C GLU D 819 -18.88 37.77 -7.66
N SER D 820 -19.79 37.08 -8.33
CA SER D 820 -19.95 35.64 -8.13
C SER D 820 -18.71 34.88 -8.58
N GLN D 821 -18.01 35.37 -9.59
CA GLN D 821 -16.80 34.71 -10.06
C GLN D 821 -15.73 34.69 -8.97
N GLN D 822 -15.58 35.81 -8.24
CA GLN D 822 -14.63 35.87 -7.14
C GLN D 822 -15.02 35.01 -5.95
N GLN D 823 -16.26 34.53 -5.91
CA GLN D 823 -16.73 33.69 -4.82
C GLN D 823 -16.49 32.22 -5.13
N LEU D 824 -16.25 31.43 -4.08
CA LEU D 824 -15.97 30.01 -4.25
C LEU D 824 -17.18 29.29 -4.87
N LEU D 825 -18.30 29.29 -4.16
CA LEU D 825 -19.50 28.60 -4.60
C LEU D 825 -20.66 29.58 -4.65
N THR D 826 -21.18 29.82 -5.84
CA THR D 826 -22.29 30.73 -6.07
C THR D 826 -23.59 29.94 -6.11
N GLN D 827 -24.65 30.53 -5.55
CA GLN D 827 -25.99 29.96 -5.59
C GLN D 827 -26.94 30.96 -6.24
N LEU D 828 -27.73 30.50 -7.20
CA LEU D 828 -28.74 31.35 -7.82
C LEU D 828 -30.03 30.56 -7.99
N SER D 829 -31.14 31.30 -8.05
CA SER D 829 -32.46 30.73 -8.29
C SER D 829 -32.95 31.21 -9.64
N ALA D 830 -33.38 30.28 -10.48
CA ALA D 830 -33.83 30.60 -11.84
C ALA D 830 -35.05 29.74 -12.17
N GLU D 831 -36.22 30.36 -12.20
CA GLU D 831 -37.43 29.64 -12.61
C GLU D 831 -37.35 29.26 -14.08
N CYS D 832 -37.73 28.03 -14.39
CA CYS D 832 -37.68 27.53 -15.75
C CYS D 832 -39.00 27.79 -16.46
N ARG D 833 -38.93 27.90 -17.79
CA ARG D 833 -40.10 28.18 -18.60
C ARG D 833 -41.11 27.03 -18.52
#